data_9LCX
#
_entry.id   9LCX
#
_cell.length_a   1.00
_cell.length_b   1.00
_cell.length_c   1.00
_cell.angle_alpha   90.00
_cell.angle_beta   90.00
_cell.angle_gamma   90.00
#
_symmetry.space_group_name_H-M   'P 1'
#
loop_
_entity.id
_entity.type
_entity.pdbx_description
1 polymer 'Inactivate TOD6'
2 polymer 'AC DNA substrate reverse strand'
3 polymer 'AC DNA substrate forward strand'
4 non-polymer 'ZINC ION'
#
loop_
_entity_poly.entity_id
_entity_poly.type
_entity_poly.pdbx_seq_one_letter_code
_entity_poly.pdbx_strand_id
1 'polypeptide(L)'
;MASSHHHHHHHHSGASVDLRTLGYSQQQQEKIKPKVRSTVAQHHEALVGHGFTHAHIVALSQHPAALGTVAVKYQDMIAA
LPEATHEAIVGVGKQWSGARALEALLTVAGELRGPPLQLDTGQLLKIAKRGGVTAVEAVHAWRNALTGAPLNLTPEQVVA
IASHDGGKQALETVQRLLPVLCQAHGLTPEQVVAIASNIGGKQALETVQRLLPVLCQAHGLTPEQVVAIASNNGGKQALE
TVQRLLPVLCQAHGLTPEQVVAIASNNGGKQALETVQRLLPVLCQAHGLTPEQVVAIASNIGGKQALETVQRLLPVLCQA
HGLTPEQVVAIASNGGGKQALETVQRLLPVLCQAHGLTPEQVVAIASNIGGKQALETVQRLLPVLCQAHGLTPEQVVAIA
SHDGGKQALETVQRLLPVLCQAHGLTPEQVVAIASNGGGKQALETVQRLLPVLCQAHGLTPEQVVAIASHDGGKQALETV
QRLLPVLCQAHGLTPEQVVAIASHDGGKQALETVQRLLPVLCQAHGLTPEQVVAIASNGGGKQALETVQRLLPVLCQAHG
LTPEQVVAIASHDGGKQALETVQRLLPVLCQAHGLTPEQVVAIASNIGGKQALETVQRLLPVLCQAHGLTPEQVVAIASN
IGGKQALETVQRLLPVLCQAHGLTPEQVVAIASNGGGRPALEALHAVLTDGPEEAKYEALMRLGGALAIRISDNSEKQIN
TAINLIKNHAKSKGVELSEEDIKKVEKILKENPGVVLLLTPSGKIHVFPSISWSLPEYDGTTTHGVLVLDDGTQIGFTSG
NGDPRYTNYRNNGHVAQKSALYMRENNISNATVYHNNTNGTCGYCNTMTATFLPEGATLTVVPPENAVANNSRAIDYVKT
YTGTSN
;
A
2 'polydeoxyribonucleotide'
;(DC)(DT)(DC)(DG)(DA)(DC)(DC)(DG)(DG)(DT)(DA)(DG)(DA)(DT)(DT)(DG)(DA)(DG)(DG)(DA)
(DG)(DT)(DA)(DT)(DC)(DC)(DT)(DG)(DA)(DC)(DA)
;
C
3 'polydeoxyribonucleotide'
;(DT)(DG)(DT)(DC)(DA)(DG)(DG)(DA)(DT)(DA)(DC)(DT)(DC)(DC)(DT)(DC)(DA)(DA)(DT)(DC)
(DT)(DA)(DC)(DC)(DG)(DG)(DT)(DC)(DG)(DA)(DG)
;
B
#
# COMPACT_ATOMS: atom_id res chain seq x y z
N LYS A 31 -36.48 -18.97 -19.29
CA LYS A 31 -35.30 -18.70 -20.10
C LYS A 31 -35.24 -19.60 -21.32
N ILE A 32 -36.39 -20.18 -21.68
CA ILE A 32 -36.51 -21.03 -22.86
C ILE A 32 -37.41 -20.33 -23.86
N LYS A 33 -36.94 -20.20 -25.08
CA LYS A 33 -37.72 -19.52 -26.11
C LYS A 33 -38.78 -20.46 -26.69
N PRO A 34 -39.92 -19.91 -27.14
CA PRO A 34 -40.96 -20.77 -27.73
C PRO A 34 -40.47 -21.58 -28.92
N LYS A 35 -39.56 -21.03 -29.73
CA LYS A 35 -38.99 -21.79 -30.84
C LYS A 35 -38.13 -22.95 -30.36
N VAL A 36 -37.71 -22.94 -29.10
CA VAL A 36 -36.82 -23.97 -28.57
C VAL A 36 -37.58 -25.04 -27.78
N ARG A 37 -38.76 -24.72 -27.24
CA ARG A 37 -39.45 -25.62 -26.33
C ARG A 37 -39.82 -26.93 -27.01
N SER A 38 -40.29 -26.86 -28.27
CA SER A 38 -40.72 -28.06 -28.98
C SER A 38 -39.59 -29.05 -29.18
N THR A 39 -38.33 -28.61 -29.11
CA THR A 39 -37.18 -29.49 -29.21
C THR A 39 -36.62 -29.87 -27.85
N VAL A 40 -36.63 -28.94 -26.89
CA VAL A 40 -36.11 -29.26 -25.56
C VAL A 40 -37.01 -30.31 -24.90
N ALA A 41 -38.33 -30.26 -25.14
CA ALA A 41 -39.21 -31.27 -24.59
C ALA A 41 -38.89 -32.65 -25.16
N GLN A 42 -38.59 -32.72 -26.46
CA GLN A 42 -38.27 -34.01 -27.06
C GLN A 42 -36.92 -34.52 -26.58
N HIS A 43 -35.95 -33.65 -26.39
CA HIS A 43 -34.59 -34.08 -26.08
C HIS A 43 -34.30 -34.16 -24.58
N HIS A 44 -35.22 -33.71 -23.72
CA HIS A 44 -34.99 -33.82 -22.28
C HIS A 44 -34.93 -35.28 -21.84
N GLU A 45 -35.77 -36.13 -22.42
CA GLU A 45 -35.77 -37.54 -22.07
C GLU A 45 -34.44 -38.19 -22.43
N ALA A 46 -33.87 -37.83 -23.58
CA ALA A 46 -32.59 -38.42 -23.99
C ALA A 46 -31.44 -37.85 -23.17
N LEU A 47 -31.44 -36.53 -22.92
CA LEU A 47 -30.34 -35.91 -22.18
C LEU A 47 -30.26 -36.44 -20.76
N VAL A 48 -31.40 -36.56 -20.08
CA VAL A 48 -31.42 -37.11 -18.73
C VAL A 48 -31.04 -38.59 -18.80
N GLY A 49 -30.17 -39.01 -17.89
CA GLY A 49 -29.59 -40.33 -17.91
C GLY A 49 -28.11 -40.34 -18.27
N HIS A 50 -27.64 -39.32 -18.98
CA HIS A 50 -26.21 -39.14 -19.22
C HIS A 50 -25.53 -38.34 -18.13
N GLY A 51 -26.28 -37.78 -17.19
CA GLY A 51 -25.72 -36.97 -16.13
C GLY A 51 -25.99 -35.48 -16.22
N PHE A 52 -26.90 -35.06 -17.08
CA PHE A 52 -27.18 -33.64 -17.25
C PHE A 52 -28.40 -33.22 -16.43
N THR A 53 -28.24 -32.13 -15.69
CA THR A 53 -29.32 -31.57 -14.90
C THR A 53 -30.17 -30.62 -15.75
N HIS A 54 -31.30 -30.19 -15.19
CA HIS A 54 -32.20 -29.32 -15.93
C HIS A 54 -31.59 -27.92 -16.10
N ALA A 55 -30.83 -27.47 -15.11
CA ALA A 55 -30.15 -26.19 -15.23
C ALA A 55 -29.14 -26.20 -16.38
N HIS A 56 -28.38 -27.29 -16.49
CA HIS A 56 -27.45 -27.42 -17.62
C HIS A 56 -28.20 -27.46 -18.95
N ILE A 57 -29.36 -28.10 -18.98
CA ILE A 57 -30.15 -28.13 -20.21
C ILE A 57 -30.61 -26.73 -20.58
N VAL A 58 -31.07 -25.95 -19.60
CA VAL A 58 -31.51 -24.58 -19.87
C VAL A 58 -30.33 -23.75 -20.37
N ALA A 59 -29.18 -23.87 -19.72
CA ALA A 59 -28.00 -23.11 -20.13
C ALA A 59 -27.56 -23.50 -21.54
N LEU A 60 -27.62 -24.79 -21.87
CA LEU A 60 -27.19 -25.26 -23.18
C LEU A 60 -28.20 -24.93 -24.27
N SER A 61 -29.46 -24.68 -23.90
CA SER A 61 -30.50 -24.42 -24.89
C SER A 61 -30.38 -23.06 -25.55
N GLN A 62 -29.32 -22.28 -25.30
CA GLN A 62 -29.11 -21.05 -26.05
C GLN A 62 -28.86 -21.34 -27.51
N HIS A 63 -28.12 -22.42 -27.82
CA HIS A 63 -27.92 -22.88 -29.17
C HIS A 63 -28.69 -24.18 -29.36
N PRO A 64 -29.86 -24.16 -29.99
CA PRO A 64 -30.69 -25.37 -30.04
C PRO A 64 -30.03 -26.55 -30.73
N ALA A 65 -29.18 -26.31 -31.74
CA ALA A 65 -28.59 -27.41 -32.49
C ALA A 65 -27.75 -28.32 -31.61
N ALA A 66 -27.17 -27.78 -30.54
CA ALA A 66 -26.39 -28.61 -29.63
C ALA A 66 -27.26 -29.63 -28.91
N LEU A 67 -28.52 -29.29 -28.64
CA LEU A 67 -29.39 -30.15 -27.83
C LEU A 67 -29.46 -31.56 -28.38
N GLY A 68 -29.50 -31.69 -29.70
CA GLY A 68 -29.44 -33.02 -30.30
C GLY A 68 -28.03 -33.59 -30.28
N THR A 69 -27.05 -32.78 -30.68
CA THR A 69 -25.70 -33.30 -30.95
C THR A 69 -25.10 -33.94 -29.70
N VAL A 70 -25.26 -33.30 -28.54
CA VAL A 70 -24.80 -33.91 -27.30
C VAL A 70 -25.57 -35.21 -27.03
N ALA A 71 -26.90 -35.14 -27.12
CA ALA A 71 -27.73 -36.27 -26.72
C ALA A 71 -27.47 -37.52 -27.54
N VAL A 72 -26.87 -37.37 -28.72
CA VAL A 72 -26.58 -38.52 -29.57
C VAL A 72 -25.12 -38.94 -29.47
N LYS A 73 -24.21 -38.06 -29.00
CA LYS A 73 -22.79 -38.33 -29.10
C LYS A 73 -22.05 -38.16 -27.78
N TYR A 74 -22.76 -37.95 -26.66
CA TYR A 74 -22.10 -37.64 -25.40
C TYR A 74 -21.10 -38.73 -25.01
N GLN A 75 -21.54 -40.00 -25.02
CA GLN A 75 -20.65 -41.09 -24.64
C GLN A 75 -19.41 -41.13 -25.50
N ASP A 76 -19.48 -40.64 -26.74
CA ASP A 76 -18.29 -40.60 -27.57
C ASP A 76 -17.37 -39.44 -27.18
N MET A 77 -17.95 -38.28 -26.87
CA MET A 77 -17.10 -37.11 -26.61
C MET A 77 -16.26 -37.29 -25.35
N ILE A 78 -16.85 -37.87 -24.29
CA ILE A 78 -16.07 -38.15 -23.10
C ILE A 78 -14.95 -39.13 -23.40
N ALA A 79 -15.12 -39.96 -24.43
CA ALA A 79 -14.02 -40.80 -24.88
C ALA A 79 -12.93 -39.96 -25.56
N ALA A 80 -13.34 -39.00 -26.38
CA ALA A 80 -12.36 -38.15 -27.05
C ALA A 80 -11.75 -37.13 -26.09
N LEU A 81 -12.48 -36.77 -25.04
CA LEU A 81 -12.01 -35.78 -24.05
C LEU A 81 -12.20 -36.36 -22.66
N PRO A 82 -11.29 -37.24 -22.22
CA PRO A 82 -11.41 -37.81 -20.87
C PRO A 82 -11.40 -36.73 -19.80
N GLU A 83 -12.17 -36.97 -18.74
CA GLU A 83 -12.25 -36.08 -17.58
C GLU A 83 -12.69 -34.68 -17.97
N ALA A 84 -13.71 -34.59 -18.81
CA ALA A 84 -14.34 -33.33 -19.18
C ALA A 84 -15.74 -33.34 -18.60
N THR A 85 -15.93 -32.62 -17.49
CA THR A 85 -17.20 -32.66 -16.77
C THR A 85 -18.31 -32.06 -17.62
N HIS A 86 -19.54 -32.23 -17.13
CA HIS A 86 -20.71 -31.74 -17.85
C HIS A 86 -20.74 -30.22 -17.95
N GLU A 87 -20.16 -29.53 -16.96
CA GLU A 87 -20.08 -28.07 -17.05
C GLU A 87 -19.25 -27.63 -18.24
N ALA A 88 -18.13 -28.30 -18.48
CA ALA A 88 -17.29 -27.96 -19.63
C ALA A 88 -18.03 -28.24 -20.93
N ILE A 89 -18.75 -29.35 -21.01
CA ILE A 89 -19.49 -29.68 -22.23
C ILE A 89 -20.57 -28.64 -22.49
N VAL A 90 -21.29 -28.22 -21.44
CA VAL A 90 -22.30 -27.19 -21.61
C VAL A 90 -21.66 -25.88 -22.05
N GLY A 91 -20.53 -25.52 -21.44
CA GLY A 91 -19.86 -24.28 -21.83
C GLY A 91 -19.40 -24.28 -23.28
N VAL A 92 -18.87 -25.42 -23.75
CA VAL A 92 -18.43 -25.51 -25.14
C VAL A 92 -19.63 -25.49 -26.09
N GLY A 93 -20.70 -26.22 -25.74
CA GLY A 93 -21.79 -26.42 -26.66
C GLY A 93 -22.86 -25.34 -26.69
N LYS A 94 -22.80 -24.38 -25.78
CA LYS A 94 -23.83 -23.34 -25.71
C LYS A 94 -23.45 -22.08 -26.49
N GLN A 95 -22.29 -22.05 -27.12
CA GLN A 95 -21.81 -20.86 -27.80
C GLN A 95 -22.48 -20.72 -29.17
N TRP A 96 -21.99 -19.79 -29.99
CA TRP A 96 -22.62 -19.54 -31.28
C TRP A 96 -22.45 -20.71 -32.23
N SER A 97 -21.43 -21.53 -32.03
CA SER A 97 -21.20 -22.70 -32.89
C SER A 97 -20.89 -23.91 -32.01
N GLY A 98 -21.69 -24.12 -30.96
CA GLY A 98 -21.41 -25.18 -30.03
C GLY A 98 -21.49 -26.56 -30.66
N ALA A 99 -22.54 -26.82 -31.44
CA ALA A 99 -22.70 -28.12 -32.07
C ALA A 99 -21.56 -28.41 -33.03
N ARG A 100 -21.23 -27.44 -33.88
CA ARG A 100 -20.12 -27.62 -34.81
C ARG A 100 -18.79 -27.76 -34.07
N ALA A 101 -18.61 -27.01 -32.99
CA ALA A 101 -17.38 -27.12 -32.21
C ALA A 101 -17.22 -28.51 -31.63
N LEU A 102 -18.31 -29.09 -31.10
CA LEU A 102 -18.23 -30.43 -30.53
C LEU A 102 -18.00 -31.48 -31.61
N GLU A 103 -18.68 -31.34 -32.76
CA GLU A 103 -18.46 -32.29 -33.85
C GLU A 103 -17.03 -32.22 -34.36
N ALA A 104 -16.45 -31.02 -34.39
CA ALA A 104 -15.06 -30.89 -34.82
C ALA A 104 -14.11 -31.49 -33.78
N LEU A 105 -14.30 -31.16 -32.51
CA LEU A 105 -13.45 -31.73 -31.46
C LEU A 105 -13.56 -33.24 -31.43
N LEU A 106 -14.67 -33.79 -31.91
CA LEU A 106 -14.81 -35.25 -31.96
C LEU A 106 -13.74 -35.87 -32.85
N THR A 107 -13.47 -35.27 -34.01
CA THR A 107 -12.57 -35.85 -34.99
C THR A 107 -11.28 -35.05 -35.17
N VAL A 108 -10.94 -34.20 -34.21
CA VAL A 108 -9.71 -33.41 -34.31
C VAL A 108 -8.86 -33.61 -33.05
N ALA A 109 -9.51 -33.94 -31.94
CA ALA A 109 -8.78 -34.10 -30.68
C ALA A 109 -7.77 -35.23 -30.73
N GLY A 110 -7.88 -36.15 -31.69
CA GLY A 110 -6.89 -37.19 -31.82
C GLY A 110 -5.54 -36.67 -32.26
N GLU A 111 -5.53 -35.65 -33.12
CA GLU A 111 -4.29 -35.18 -33.73
C GLU A 111 -3.58 -34.12 -32.89
N LEU A 112 -4.32 -33.18 -32.31
CA LEU A 112 -3.69 -32.11 -31.54
C LEU A 112 -3.06 -32.60 -30.24
N ARG A 113 -3.34 -33.83 -29.83
CA ARG A 113 -2.65 -34.45 -28.72
C ARG A 113 -1.40 -35.21 -29.14
N GLY A 114 -0.83 -34.86 -30.30
CA GLY A 114 0.29 -35.58 -30.85
C GLY A 114 1.61 -34.85 -30.72
N PRO A 115 2.50 -35.06 -31.69
CA PRO A 115 3.85 -34.50 -31.61
C PRO A 115 3.87 -32.97 -31.59
N PRO A 116 3.20 -32.28 -32.56
CA PRO A 116 3.42 -30.82 -32.67
C PRO A 116 3.06 -30.05 -31.41
N LEU A 117 1.81 -30.19 -30.95
CA LEU A 117 1.34 -29.51 -29.76
C LEU A 117 1.05 -30.53 -28.67
N GLN A 118 1.47 -30.22 -27.45
CA GLN A 118 1.22 -31.09 -26.31
C GLN A 118 -0.07 -30.67 -25.59
N LEU A 119 -1.16 -30.65 -26.37
CA LEU A 119 -2.45 -30.23 -25.86
C LEU A 119 -3.08 -31.31 -25.01
N ASP A 120 -3.82 -30.90 -23.99
CA ASP A 120 -4.64 -31.78 -23.17
C ASP A 120 -6.10 -31.35 -23.29
N THR A 121 -6.95 -31.98 -22.46
CA THR A 121 -8.38 -31.69 -22.54
C THR A 121 -8.69 -30.24 -22.20
N GLY A 122 -8.02 -29.69 -21.19
CA GLY A 122 -8.34 -28.32 -20.76
C GLY A 122 -8.11 -27.30 -21.85
N GLN A 123 -6.97 -27.39 -22.54
CA GLN A 123 -6.68 -26.44 -23.60
C GLN A 123 -7.59 -26.65 -24.81
N LEU A 124 -7.97 -27.89 -25.09
CA LEU A 124 -8.91 -28.15 -26.18
C LEU A 124 -10.25 -27.50 -25.89
N LEU A 125 -10.76 -27.63 -24.66
CA LEU A 125 -12.02 -26.98 -24.32
C LEU A 125 -11.87 -25.48 -24.26
N LYS A 126 -10.70 -24.97 -23.88
CA LYS A 126 -10.48 -23.53 -23.87
C LYS A 126 -10.49 -22.97 -25.29
N ILE A 127 -9.91 -23.69 -26.25
CA ILE A 127 -9.93 -23.24 -27.64
C ILE A 127 -11.35 -23.31 -28.20
N ALA A 128 -12.04 -24.44 -27.98
CA ALA A 128 -13.33 -24.63 -28.63
C ALA A 128 -14.42 -23.79 -27.99
N LYS A 129 -14.31 -23.48 -26.71
CA LYS A 129 -15.35 -22.69 -26.05
C LYS A 129 -15.33 -21.26 -26.54
N ARG A 130 -14.15 -20.65 -26.63
CA ARG A 130 -14.04 -19.25 -27.02
C ARG A 130 -13.78 -19.08 -28.51
N GLY A 131 -12.77 -19.78 -29.04
CA GLY A 131 -12.42 -19.60 -30.44
C GLY A 131 -13.52 -20.05 -31.38
N GLY A 132 -14.09 -21.23 -31.13
CA GLY A 132 -15.14 -21.77 -31.97
C GLY A 132 -14.62 -22.83 -32.92
N VAL A 133 -15.55 -23.33 -33.74
CA VAL A 133 -15.21 -24.39 -34.68
C VAL A 133 -14.17 -23.91 -35.67
N THR A 134 -14.25 -22.65 -36.09
CA THR A 134 -13.26 -22.11 -37.01
C THR A 134 -11.87 -22.10 -36.39
N ALA A 135 -11.76 -21.70 -35.11
CA ALA A 135 -10.47 -21.70 -34.46
C ALA A 135 -9.94 -23.11 -34.28
N VAL A 136 -10.81 -24.07 -33.93
CA VAL A 136 -10.37 -25.44 -33.77
C VAL A 136 -9.83 -25.98 -35.09
N GLU A 137 -10.56 -25.74 -36.19
CA GLU A 137 -10.10 -26.21 -37.49
C GLU A 137 -8.81 -25.53 -37.91
N ALA A 138 -8.66 -24.23 -37.59
CA ALA A 138 -7.43 -23.53 -37.94
C ALA A 138 -6.24 -24.08 -37.19
N VAL A 139 -6.40 -24.36 -35.89
CA VAL A 139 -5.32 -24.95 -35.11
C VAL A 139 -5.02 -26.35 -35.62
N HIS A 140 -6.04 -27.07 -36.08
CA HIS A 140 -5.83 -28.41 -36.62
C HIS A 140 -5.00 -28.34 -37.90
N ALA A 141 -5.36 -27.43 -38.81
CA ALA A 141 -4.72 -27.42 -40.12
C ALA A 141 -3.31 -26.82 -40.08
N TRP A 142 -3.06 -25.86 -39.20
CA TRP A 142 -1.79 -25.15 -39.16
C TRP A 142 -0.99 -25.46 -37.89
N ARG A 143 -1.08 -26.69 -37.39
CA ARG A 143 -0.34 -27.04 -36.18
C ARG A 143 1.16 -27.11 -36.42
N ASN A 144 1.60 -27.18 -37.67
CA ASN A 144 3.02 -27.35 -37.98
C ASN A 144 3.72 -26.02 -38.21
N ALA A 145 3.18 -25.18 -39.09
CA ALA A 145 3.83 -23.91 -39.42
C ALA A 145 3.91 -22.99 -38.21
N LEU A 146 2.85 -22.95 -37.40
CA LEU A 146 2.82 -22.06 -36.25
C LEU A 146 3.91 -22.42 -35.25
N THR A 147 4.09 -23.70 -34.97
CA THR A 147 5.07 -24.16 -34.00
C THR A 147 6.44 -24.42 -34.63
N GLY A 148 6.54 -24.37 -35.95
CA GLY A 148 7.77 -24.68 -36.64
C GLY A 148 8.87 -23.66 -36.42
N ALA A 149 9.92 -23.80 -37.21
CA ALA A 149 11.10 -22.93 -37.08
C ALA A 149 10.82 -21.46 -37.38
N PRO A 150 10.16 -21.09 -38.49
CA PRO A 150 10.09 -19.66 -38.85
C PRO A 150 9.40 -18.78 -37.83
N LEU A 151 8.52 -19.34 -36.99
CA LEU A 151 7.82 -18.57 -35.98
C LEU A 151 8.20 -18.93 -34.56
N ASN A 152 8.43 -20.22 -34.28
CA ASN A 152 8.84 -20.70 -32.96
C ASN A 152 7.81 -20.33 -31.89
N LEU A 153 6.53 -20.53 -32.20
CA LEU A 153 5.47 -20.28 -31.24
C LEU A 153 5.31 -21.50 -30.33
N THR A 154 5.36 -21.27 -29.03
CA THR A 154 5.12 -22.34 -28.08
C THR A 154 3.65 -22.74 -28.08
N PRO A 155 3.32 -23.93 -27.59
CA PRO A 155 1.90 -24.32 -27.52
C PRO A 155 1.05 -23.37 -26.70
N GLU A 156 1.61 -22.79 -25.63
CA GLU A 156 0.84 -21.85 -24.82
C GLU A 156 0.50 -20.60 -25.63
N GLN A 157 1.44 -20.09 -26.43
CA GLN A 157 1.15 -18.92 -27.23
C GLN A 157 0.10 -19.22 -28.30
N VAL A 158 0.15 -20.41 -28.89
CA VAL A 158 -0.86 -20.78 -29.89
C VAL A 158 -2.24 -20.89 -29.24
N VAL A 159 -2.31 -21.52 -28.06
CA VAL A 159 -3.60 -21.68 -27.41
C VAL A 159 -4.10 -20.37 -26.80
N ALA A 160 -3.22 -19.38 -26.66
CA ALA A 160 -3.67 -18.06 -26.19
C ALA A 160 -4.12 -17.18 -27.34
N ILE A 161 -3.46 -17.27 -28.49
CA ILE A 161 -3.90 -16.53 -29.66
C ILE A 161 -5.20 -17.09 -30.21
N ALA A 162 -5.33 -18.42 -30.21
CA ALA A 162 -6.48 -19.07 -30.84
C ALA A 162 -7.75 -18.96 -30.01
N SER A 163 -7.63 -18.94 -28.69
CA SER A 163 -8.80 -18.98 -27.81
C SER A 163 -9.39 -17.58 -27.62
N HIS A 164 -9.87 -17.01 -28.71
CA HIS A 164 -10.48 -15.69 -28.68
C HIS A 164 -11.53 -15.61 -29.78
N ASP A 165 -12.42 -14.62 -29.65
CA ASP A 165 -13.56 -14.51 -30.54
C ASP A 165 -13.11 -14.08 -31.92
N GLY A 166 -12.89 -15.04 -32.81
CA GLY A 166 -12.32 -14.77 -34.11
C GLY A 166 -10.83 -15.04 -34.11
N GLY A 167 -10.43 -16.18 -33.52
CA GLY A 167 -9.02 -16.49 -33.39
C GLY A 167 -8.35 -17.01 -34.65
N LYS A 168 -9.13 -17.52 -35.60
CA LYS A 168 -8.54 -17.99 -36.85
C LYS A 168 -7.92 -16.84 -37.63
N GLN A 169 -8.60 -15.69 -37.67
CA GLN A 169 -8.04 -14.53 -38.33
C GLN A 169 -6.77 -14.06 -37.64
N ALA A 170 -6.77 -14.04 -36.31
CA ALA A 170 -5.57 -13.64 -35.59
C ALA A 170 -4.41 -14.58 -35.87
N LEU A 171 -4.68 -15.88 -35.90
CA LEU A 171 -3.62 -16.84 -36.19
C LEU A 171 -3.05 -16.66 -37.59
N GLU A 172 -3.93 -16.48 -38.57
CA GLU A 172 -3.44 -16.27 -39.94
C GLU A 172 -2.64 -14.97 -40.04
N THR A 173 -3.13 -13.89 -39.42
CA THR A 173 -2.43 -12.62 -39.48
C THR A 173 -1.07 -12.71 -38.78
N VAL A 174 -1.00 -13.43 -37.66
CA VAL A 174 0.29 -13.62 -36.99
C VAL A 174 1.24 -14.38 -37.89
N GLN A 175 0.80 -15.51 -38.43
CA GLN A 175 1.70 -16.30 -39.28
C GLN A 175 2.07 -15.55 -40.55
N ARG A 176 1.34 -14.49 -40.91
CA ARG A 176 1.71 -13.67 -42.04
C ARG A 176 2.61 -12.50 -41.69
N LEU A 177 2.48 -11.93 -40.49
CA LEU A 177 3.13 -10.67 -40.15
C LEU A 177 4.18 -10.76 -39.06
N LEU A 178 4.41 -11.94 -38.47
CA LEU A 178 5.40 -12.04 -37.40
C LEU A 178 6.80 -11.66 -37.84
N PRO A 179 7.34 -12.15 -38.97
CA PRO A 179 8.68 -11.70 -39.38
C PRO A 179 8.79 -10.20 -39.58
N VAL A 180 7.76 -9.57 -40.16
CA VAL A 180 7.83 -8.15 -40.46
C VAL A 180 7.88 -7.33 -39.18
N LEU A 181 6.99 -7.62 -38.23
CA LEU A 181 6.99 -6.88 -36.98
C LEU A 181 8.24 -7.17 -36.16
N CYS A 182 8.70 -8.42 -36.15
CA CYS A 182 9.84 -8.79 -35.33
C CYS A 182 11.17 -8.30 -35.90
N GLN A 183 11.25 -8.05 -37.20
CA GLN A 183 12.49 -7.61 -37.83
C GLN A 183 12.49 -6.14 -38.22
N ALA A 184 11.49 -5.69 -38.99
CA ALA A 184 11.50 -4.33 -39.49
C ALA A 184 11.20 -3.32 -38.39
N HIS A 185 10.28 -3.65 -37.48
CA HIS A 185 9.84 -2.73 -36.46
C HIS A 185 10.42 -3.03 -35.08
N GLY A 186 11.22 -4.08 -34.95
CA GLY A 186 11.89 -4.37 -33.70
C GLY A 186 10.97 -4.68 -32.54
N LEU A 187 9.99 -5.55 -32.76
CA LEU A 187 9.03 -5.94 -31.73
C LEU A 187 9.32 -7.37 -31.28
N THR A 188 9.32 -7.57 -29.96
CA THR A 188 9.56 -8.90 -29.42
C THR A 188 8.40 -9.82 -29.80
N PRO A 189 8.66 -11.12 -30.02
CA PRO A 189 7.54 -12.05 -30.26
C PRO A 189 6.53 -12.07 -29.14
N GLU A 190 6.95 -11.85 -27.90
CA GLU A 190 5.99 -11.76 -26.80
C GLU A 190 5.06 -10.57 -27.00
N GLN A 191 5.61 -9.44 -27.47
CA GLN A 191 4.77 -8.25 -27.69
C GLN A 191 3.76 -8.50 -28.81
N VAL A 192 4.18 -9.16 -29.88
CA VAL A 192 3.26 -9.44 -30.98
C VAL A 192 2.18 -10.42 -30.53
N VAL A 193 2.55 -11.42 -29.72
CA VAL A 193 1.55 -12.36 -29.22
C VAL A 193 0.58 -11.64 -28.27
N ALA A 194 1.07 -10.68 -27.50
CA ALA A 194 0.18 -9.94 -26.61
C ALA A 194 -0.73 -8.99 -27.38
N ILE A 195 -0.27 -8.51 -28.54
CA ILE A 195 -1.14 -7.71 -29.41
C ILE A 195 -2.23 -8.58 -30.02
N ALA A 196 -1.86 -9.78 -30.47
CA ALA A 196 -2.80 -10.67 -31.12
C ALA A 196 -3.75 -11.40 -30.16
N SER A 197 -3.39 -11.49 -28.87
CA SER A 197 -4.22 -12.19 -27.90
C SER A 197 -5.37 -11.30 -27.42
N ASN A 198 -6.16 -10.84 -28.39
CA ASN A 198 -7.31 -9.99 -28.11
C ASN A 198 -8.36 -10.22 -29.18
N ILE A 199 -9.59 -9.79 -28.90
CA ILE A 199 -10.69 -10.07 -29.81
C ILE A 199 -10.44 -9.43 -31.18
N GLY A 200 -10.00 -8.19 -31.21
CA GLY A 200 -9.70 -7.54 -32.47
C GLY A 200 -8.25 -7.69 -32.86
N GLY A 201 -7.72 -8.91 -32.74
CA GLY A 201 -6.29 -9.11 -32.92
C GLY A 201 -5.81 -8.81 -34.33
N LYS A 202 -6.57 -9.26 -35.33
CA LYS A 202 -6.15 -9.07 -36.72
C LYS A 202 -6.07 -7.59 -37.07
N GLN A 203 -7.11 -6.82 -36.70
CA GLN A 203 -7.11 -5.39 -36.97
C GLN A 203 -5.99 -4.69 -36.21
N ALA A 204 -5.77 -5.07 -34.96
CA ALA A 204 -4.71 -4.44 -34.17
C ALA A 204 -3.34 -4.68 -34.79
N LEU A 205 -3.07 -5.90 -35.24
CA LEU A 205 -1.79 -6.19 -35.88
C LEU A 205 -1.65 -5.41 -37.19
N GLU A 206 -2.70 -5.43 -38.02
CA GLU A 206 -2.61 -4.80 -39.33
C GLU A 206 -2.57 -3.27 -39.23
N THR A 207 -2.98 -2.70 -38.10
CA THR A 207 -2.85 -1.25 -37.92
C THR A 207 -1.58 -0.85 -37.20
N VAL A 208 -1.04 -1.71 -36.32
CA VAL A 208 0.28 -1.45 -35.76
C VAL A 208 1.32 -1.48 -36.87
N GLN A 209 1.22 -2.46 -37.77
CA GLN A 209 2.19 -2.60 -38.84
C GLN A 209 2.22 -1.39 -39.77
N ARG A 210 1.17 -0.57 -39.76
CA ARG A 210 1.12 0.62 -40.60
C ARG A 210 1.22 1.93 -39.83
N LEU A 211 1.04 1.91 -38.51
CA LEU A 211 1.08 3.14 -37.73
C LEU A 211 2.31 3.26 -36.82
N LEU A 212 3.10 2.19 -36.66
CA LEU A 212 4.35 2.33 -35.92
C LEU A 212 5.29 3.38 -36.52
N PRO A 213 5.48 3.47 -37.84
CA PRO A 213 6.36 4.53 -38.36
C PRO A 213 5.87 5.93 -38.09
N VAL A 214 4.60 6.14 -37.80
CA VAL A 214 4.02 7.47 -37.65
C VAL A 214 3.87 7.86 -36.19
N LEU A 215 3.37 6.96 -35.35
CA LEU A 215 3.18 7.29 -33.94
C LEU A 215 4.51 7.35 -33.19
N CYS A 216 5.56 6.74 -33.72
CA CYS A 216 6.86 6.71 -33.06
C CYS A 216 7.87 7.65 -33.68
N GLN A 217 7.47 8.46 -34.64
CA GLN A 217 8.37 9.42 -35.27
C GLN A 217 7.88 10.86 -35.17
N ALA A 218 6.58 11.09 -35.33
CA ALA A 218 6.02 12.43 -35.26
C ALA A 218 5.50 12.77 -33.86
N HIS A 219 4.76 11.87 -33.24
CA HIS A 219 4.15 12.12 -31.94
C HIS A 219 5.02 11.66 -30.78
N GLY A 220 6.19 11.09 -31.04
CA GLY A 220 7.13 10.77 -29.98
C GLY A 220 6.66 9.77 -28.96
N LEU A 221 6.09 8.65 -29.40
CA LEU A 221 5.73 7.56 -28.52
C LEU A 221 6.73 6.43 -28.69
N THR A 222 7.20 5.86 -27.57
CA THR A 222 8.07 4.71 -27.65
C THR A 222 7.27 3.49 -28.13
N PRO A 223 7.92 2.55 -28.81
CA PRO A 223 7.19 1.35 -29.28
C PRO A 223 6.50 0.60 -28.16
N GLU A 224 7.02 0.67 -26.93
CA GLU A 224 6.34 0.05 -25.80
C GLU A 224 5.00 0.71 -25.55
N GLN A 225 4.92 2.03 -25.72
CA GLN A 225 3.65 2.74 -25.54
C GLN A 225 2.63 2.33 -26.59
N VAL A 226 3.06 2.22 -27.85
CA VAL A 226 2.15 1.81 -28.91
C VAL A 226 1.68 0.37 -28.68
N VAL A 227 2.57 -0.52 -28.27
CA VAL A 227 2.16 -1.89 -28.01
C VAL A 227 1.25 -1.97 -26.79
N ALA A 228 1.42 -1.08 -25.81
CA ALA A 228 0.51 -1.06 -24.67
C ALA A 228 -0.86 -0.53 -25.06
N ILE A 229 -0.90 0.42 -26.00
CA ILE A 229 -2.19 0.93 -26.48
C ILE A 229 -2.92 -0.13 -27.29
N ALA A 230 -2.19 -0.82 -28.19
CA ALA A 230 -2.82 -1.71 -29.15
C ALA A 230 -3.23 -3.06 -28.55
N SER A 231 -2.70 -3.43 -27.40
CA SER A 231 -3.03 -4.72 -26.79
C SER A 231 -4.32 -4.59 -25.96
N ASN A 232 -5.42 -4.39 -26.68
CA ASN A 232 -6.72 -4.23 -26.06
C ASN A 232 -7.80 -4.65 -27.05
N ASN A 233 -9.03 -4.75 -26.55
CA ASN A 233 -10.15 -5.27 -27.35
C ASN A 233 -10.44 -4.41 -28.58
N GLY A 234 -10.06 -3.14 -28.56
CA GLY A 234 -10.30 -2.27 -29.69
C GLY A 234 -9.07 -1.51 -30.12
N GLY A 235 -7.91 -2.16 -30.12
CA GLY A 235 -6.66 -1.44 -30.27
C GLY A 235 -6.55 -0.65 -31.56
N LYS A 236 -7.20 -1.12 -32.62
CA LYS A 236 -7.15 -0.40 -33.88
C LYS A 236 -7.80 0.98 -33.74
N GLN A 237 -8.98 1.02 -33.12
CA GLN A 237 -9.66 2.29 -32.91
C GLN A 237 -8.86 3.22 -32.00
N ALA A 238 -8.27 2.66 -30.94
CA ALA A 238 -7.50 3.47 -30.02
C ALA A 238 -6.29 4.10 -30.71
N LEU A 239 -5.57 3.32 -31.52
CA LEU A 239 -4.44 3.87 -32.25
C LEU A 239 -4.88 4.92 -33.26
N GLU A 240 -5.93 4.62 -34.02
CA GLU A 240 -6.39 5.55 -35.06
C GLU A 240 -6.88 6.85 -34.46
N THR A 241 -7.41 6.83 -33.23
CA THR A 241 -7.88 8.06 -32.61
C THR A 241 -6.80 8.77 -31.81
N VAL A 242 -5.80 8.05 -31.30
CA VAL A 242 -4.65 8.71 -30.69
C VAL A 242 -3.87 9.49 -31.74
N GLN A 243 -3.75 8.93 -32.94
CA GLN A 243 -3.06 9.64 -34.02
C GLN A 243 -3.70 10.98 -34.32
N ARG A 244 -4.99 11.15 -34.03
CA ARG A 244 -5.69 12.41 -34.25
C ARG A 244 -5.75 13.29 -33.02
N LEU A 245 -5.91 12.71 -31.83
CA LEU A 245 -6.12 13.46 -30.62
C LEU A 245 -4.84 13.67 -29.80
N LEU A 246 -3.68 13.33 -30.34
CA LEU A 246 -2.47 13.82 -29.69
C LEU A 246 -2.19 15.29 -30.03
N PRO A 247 -2.33 15.74 -31.27
CA PRO A 247 -2.14 17.16 -31.56
C PRO A 247 -3.31 18.06 -31.18
N VAL A 248 -4.28 17.56 -30.42
CA VAL A 248 -5.41 18.36 -29.95
C VAL A 248 -5.53 18.33 -28.43
N LEU A 249 -5.55 17.13 -27.84
CA LEU A 249 -5.61 17.02 -26.39
C LEU A 249 -4.32 17.45 -25.71
N CYS A 250 -3.25 17.69 -26.46
CA CYS A 250 -2.00 18.16 -25.87
C CYS A 250 -1.74 19.63 -26.13
N GLN A 251 -1.91 20.10 -27.37
CA GLN A 251 -1.60 21.47 -27.71
C GLN A 251 -2.66 22.46 -27.22
N ALA A 252 -3.85 21.98 -26.88
CA ALA A 252 -4.95 22.85 -26.47
C ALA A 252 -5.43 22.58 -25.05
N HIS A 253 -5.68 21.32 -24.71
CA HIS A 253 -6.23 20.96 -23.41
C HIS A 253 -5.16 20.75 -22.34
N GLY A 254 -3.89 20.88 -22.69
CA GLY A 254 -2.83 20.77 -21.70
C GLY A 254 -2.69 19.41 -21.05
N LEU A 255 -2.73 18.34 -21.83
CA LEU A 255 -2.52 16.98 -21.33
C LEU A 255 -1.19 16.45 -21.85
N THR A 256 -0.44 15.80 -20.97
CA THR A 256 0.84 15.24 -21.36
C THR A 256 0.63 13.95 -22.15
N PRO A 257 1.61 13.58 -22.99
CA PRO A 257 1.47 12.33 -23.76
C PRO A 257 1.29 11.09 -22.90
N GLU A 258 1.91 11.04 -21.72
CA GLU A 258 1.72 9.89 -20.85
C GLU A 258 0.27 9.76 -20.41
N GLN A 259 -0.38 10.88 -20.11
CA GLN A 259 -1.78 10.82 -19.69
C GLN A 259 -2.69 10.36 -20.83
N VAL A 260 -2.41 10.81 -22.06
CA VAL A 260 -3.21 10.37 -23.20
C VAL A 260 -3.02 8.88 -23.44
N VAL A 261 -1.76 8.41 -23.42
CA VAL A 261 -1.51 6.99 -23.65
C VAL A 261 -1.83 6.12 -22.45
N ALA A 262 -2.22 6.73 -21.33
CA ALA A 262 -2.82 5.96 -20.24
C ALA A 262 -4.33 5.98 -20.28
N ILE A 263 -4.92 7.02 -20.87
CA ILE A 263 -6.35 7.03 -21.12
C ILE A 263 -6.72 6.02 -22.20
N ALA A 264 -5.92 5.96 -23.26
CA ALA A 264 -6.23 5.13 -24.42
C ALA A 264 -5.93 3.65 -24.21
N SER A 265 -5.22 3.29 -23.16
CA SER A 265 -4.76 1.91 -22.97
C SER A 265 -5.77 1.11 -22.16
N ASN A 266 -7.00 1.07 -22.67
CA ASN A 266 -8.09 0.33 -22.03
C ASN A 266 -9.11 -0.06 -23.09
N ASN A 267 -9.99 -0.98 -22.75
CA ASN A 267 -11.04 -1.38 -23.66
C ASN A 267 -11.90 -0.18 -24.04
N GLY A 268 -12.07 0.04 -25.34
CA GLY A 268 -12.80 1.21 -25.81
C GLY A 268 -12.17 2.51 -25.37
N GLY A 269 -10.85 2.63 -25.53
CA GLY A 269 -10.17 3.87 -25.22
C GLY A 269 -10.48 5.00 -26.18
N LYS A 270 -10.96 4.67 -27.37
CA LYS A 270 -11.38 5.70 -28.31
C LYS A 270 -12.50 6.54 -27.73
N GLN A 271 -13.47 5.89 -27.08
CA GLN A 271 -14.57 6.62 -26.46
C GLN A 271 -14.09 7.49 -25.32
N ALA A 272 -13.19 6.98 -24.48
CA ALA A 272 -12.66 7.78 -23.38
C ALA A 272 -11.97 9.01 -23.91
N LEU A 273 -11.15 8.88 -24.94
CA LEU A 273 -10.49 10.05 -25.52
C LEU A 273 -11.51 11.01 -26.11
N GLU A 274 -12.51 10.51 -26.83
CA GLU A 274 -13.46 11.41 -27.47
C GLU A 274 -14.31 12.16 -26.46
N THR A 275 -14.57 11.60 -25.28
CA THR A 275 -15.29 12.36 -24.26
C THR A 275 -14.38 13.28 -23.47
N VAL A 276 -13.14 12.88 -23.20
CA VAL A 276 -12.18 13.80 -22.59
C VAL A 276 -11.94 14.99 -23.50
N GLN A 277 -12.16 14.84 -24.80
CA GLN A 277 -12.03 15.97 -25.70
C GLN A 277 -13.13 17.00 -25.48
N ARG A 278 -14.34 16.57 -25.09
CA ARG A 278 -15.46 17.48 -24.93
C ARG A 278 -15.91 17.68 -23.50
N LEU A 279 -15.67 16.72 -22.61
CA LEU A 279 -16.05 16.86 -21.21
C LEU A 279 -14.91 17.37 -20.33
N LEU A 280 -13.77 17.74 -20.90
CA LEU A 280 -12.73 18.36 -20.10
C LEU A 280 -13.01 19.83 -19.81
N PRO A 281 -13.45 20.64 -20.78
CA PRO A 281 -13.82 22.02 -20.43
C PRO A 281 -14.93 22.12 -19.40
N VAL A 282 -15.92 21.23 -19.46
CA VAL A 282 -17.08 21.34 -18.58
C VAL A 282 -16.72 20.90 -17.16
N LEU A 283 -16.20 19.69 -17.02
CA LEU A 283 -15.91 19.17 -15.69
C LEU A 283 -14.86 19.98 -14.95
N CYS A 284 -13.98 20.69 -15.66
CA CYS A 284 -12.94 21.48 -15.03
C CYS A 284 -13.34 22.93 -14.81
N GLN A 285 -14.53 23.34 -15.28
CA GLN A 285 -15.01 24.71 -15.10
C GLN A 285 -16.27 24.79 -14.27
N ALA A 286 -17.31 24.03 -14.63
CA ALA A 286 -18.57 24.11 -13.91
C ALA A 286 -18.54 23.29 -12.63
N HIS A 287 -18.29 21.98 -12.74
CA HIS A 287 -18.23 21.12 -11.57
C HIS A 287 -16.94 21.26 -10.79
N GLY A 288 -15.95 22.00 -11.31
CA GLY A 288 -14.74 22.28 -10.57
C GLY A 288 -13.88 21.08 -10.23
N LEU A 289 -13.64 20.22 -11.22
CA LEU A 289 -12.75 19.07 -11.05
C LEU A 289 -11.37 19.38 -11.60
N THR A 290 -10.34 18.95 -10.87
CA THR A 290 -8.97 19.12 -11.33
C THR A 290 -8.75 18.25 -12.57
N PRO A 291 -8.00 18.73 -13.56
CA PRO A 291 -7.76 17.91 -14.76
C PRO A 291 -7.14 16.56 -14.48
N GLU A 292 -6.29 16.45 -13.45
CA GLU A 292 -5.77 15.14 -13.09
C GLU A 292 -6.87 14.24 -12.53
N GLN A 293 -7.88 14.80 -11.87
CA GLN A 293 -9.00 13.99 -11.42
C GLN A 293 -9.82 13.46 -12.59
N VAL A 294 -10.06 14.29 -13.60
CA VAL A 294 -10.78 13.85 -14.79
C VAL A 294 -9.99 12.79 -15.53
N VAL A 295 -8.66 12.95 -15.61
CA VAL A 295 -7.84 11.95 -16.28
C VAL A 295 -7.84 10.65 -15.50
N ALA A 296 -7.84 10.72 -14.17
CA ALA A 296 -7.88 9.50 -13.37
C ALA A 296 -9.22 8.80 -13.50
N ILE A 297 -10.30 9.56 -13.62
CA ILE A 297 -11.61 8.95 -13.88
C ILE A 297 -11.64 8.28 -15.25
N ALA A 298 -11.10 8.96 -16.26
CA ALA A 298 -11.19 8.47 -17.64
C ALA A 298 -10.24 7.33 -17.95
N SER A 299 -9.18 7.15 -17.16
CA SER A 299 -8.20 6.10 -17.42
C SER A 299 -8.62 4.79 -16.75
N ASN A 300 -9.78 4.31 -17.19
CA ASN A 300 -10.36 3.06 -16.70
C ASN A 300 -11.14 2.43 -17.83
N ILE A 301 -11.57 1.17 -17.62
CA ILE A 301 -12.20 0.41 -18.69
C ILE A 301 -13.40 1.16 -19.25
N GLY A 302 -14.40 1.43 -18.41
CA GLY A 302 -15.53 2.22 -18.82
C GLY A 302 -15.37 3.69 -18.50
N GLY A 303 -14.36 4.34 -19.09
CA GLY A 303 -14.08 5.72 -18.75
C GLY A 303 -15.15 6.70 -19.22
N LYS A 304 -15.67 6.49 -20.43
CA LYS A 304 -16.66 7.41 -20.97
C LYS A 304 -17.93 7.40 -20.13
N GLN A 305 -18.40 6.20 -19.75
CA GLN A 305 -19.61 6.09 -18.95
C GLN A 305 -19.41 6.71 -17.58
N ALA A 306 -18.25 6.50 -16.97
CA ALA A 306 -17.97 7.11 -15.68
C ALA A 306 -17.95 8.62 -15.78
N LEU A 307 -17.35 9.18 -16.82
CA LEU A 307 -17.32 10.63 -16.97
C LEU A 307 -18.72 11.20 -17.17
N GLU A 308 -19.53 10.55 -18.01
CA GLU A 308 -20.88 11.04 -18.25
C GLU A 308 -21.72 10.97 -16.98
N THR A 309 -21.60 9.87 -16.23
CA THR A 309 -22.41 9.76 -15.01
C THR A 309 -21.89 10.67 -13.91
N VAL A 310 -20.60 11.01 -13.90
CA VAL A 310 -20.13 12.02 -12.96
C VAL A 310 -20.71 13.38 -13.31
N GLN A 311 -20.74 13.71 -14.60
CA GLN A 311 -21.36 14.97 -14.99
C GLN A 311 -22.83 15.00 -14.57
N ARG A 312 -23.53 13.86 -14.69
CA ARG A 312 -24.94 13.83 -14.34
C ARG A 312 -25.16 13.88 -12.83
N LEU A 313 -24.34 13.18 -12.06
CA LEU A 313 -24.61 12.88 -10.67
C LEU A 313 -23.70 13.60 -9.67
N LEU A 314 -22.89 14.56 -10.11
CA LEU A 314 -22.06 15.27 -9.15
C LEU A 314 -22.88 16.24 -8.30
N PRO A 315 -23.69 17.15 -8.86
CA PRO A 315 -24.50 18.01 -7.98
C PRO A 315 -25.45 17.25 -7.08
N VAL A 316 -26.09 16.19 -7.59
CA VAL A 316 -27.09 15.47 -6.81
C VAL A 316 -26.43 14.77 -5.62
N LEU A 317 -25.33 14.07 -5.85
CA LEU A 317 -24.65 13.37 -4.77
C LEU A 317 -24.01 14.34 -3.78
N CYS A 318 -23.44 15.44 -4.28
CA CYS A 318 -22.79 16.38 -3.37
C CYS A 318 -23.78 17.28 -2.65
N GLN A 319 -25.03 17.34 -3.10
CA GLN A 319 -26.04 18.18 -2.47
C GLN A 319 -26.97 17.40 -1.54
N ALA A 320 -27.64 16.37 -2.08
CA ALA A 320 -28.68 15.70 -1.30
C ALA A 320 -28.11 14.63 -0.38
N HIS A 321 -27.09 13.90 -0.84
CA HIS A 321 -26.55 12.78 -0.07
C HIS A 321 -25.31 13.16 0.74
N GLY A 322 -24.90 14.43 0.72
CA GLY A 322 -23.89 14.90 1.62
C GLY A 322 -22.45 14.53 1.28
N LEU A 323 -22.22 13.91 0.13
CA LEU A 323 -20.86 13.56 -0.26
C LEU A 323 -20.08 14.79 -0.70
N THR A 324 -18.77 14.66 -0.72
CA THR A 324 -17.91 15.70 -1.25
C THR A 324 -17.42 15.33 -2.64
N PRO A 325 -17.00 16.31 -3.44
CA PRO A 325 -16.52 15.98 -4.80
C PRO A 325 -15.36 15.00 -4.82
N GLU A 326 -14.49 15.03 -3.82
CA GLU A 326 -13.38 14.07 -3.77
C GLU A 326 -13.90 12.65 -3.53
N GLN A 327 -14.95 12.50 -2.73
CA GLN A 327 -15.54 11.18 -2.53
C GLN A 327 -16.16 10.65 -3.81
N VAL A 328 -16.85 11.50 -4.56
CA VAL A 328 -17.44 11.07 -5.82
C VAL A 328 -16.36 10.71 -6.83
N VAL A 329 -15.28 11.49 -6.87
CA VAL A 329 -14.18 11.19 -7.78
C VAL A 329 -13.49 9.88 -7.40
N ALA A 330 -13.40 9.60 -6.11
CA ALA A 330 -12.79 8.34 -5.69
C ALA A 330 -13.71 7.15 -5.94
N ILE A 331 -15.02 7.37 -5.90
CA ILE A 331 -15.96 6.31 -6.25
C ILE A 331 -15.90 6.02 -7.75
N ALA A 332 -15.83 7.07 -8.57
CA ALA A 332 -15.86 6.94 -10.02
C ALA A 332 -14.52 6.57 -10.63
N SER A 333 -13.42 6.73 -9.90
CA SER A 333 -12.10 6.38 -10.44
C SER A 333 -11.85 4.89 -10.31
N ASN A 334 -12.76 4.06 -10.82
CA ASN A 334 -12.62 2.62 -10.73
C ASN A 334 -13.35 1.97 -11.90
N GLY A 335 -12.92 0.75 -12.25
CA GLY A 335 -13.49 0.05 -13.37
C GLY A 335 -14.98 -0.19 -13.24
N GLY A 336 -15.75 0.27 -14.22
CA GLY A 336 -17.20 0.21 -14.10
C GLY A 336 -17.72 1.08 -12.98
N GLY A 337 -17.22 2.31 -12.88
CA GLY A 337 -17.62 3.22 -11.84
C GLY A 337 -18.94 3.92 -12.04
N LYS A 338 -19.52 3.84 -13.24
CA LYS A 338 -20.86 4.34 -13.45
C LYS A 338 -21.86 3.56 -12.61
N GLN A 339 -21.73 2.23 -12.63
CA GLN A 339 -22.64 1.39 -11.85
C GLN A 339 -22.46 1.62 -10.36
N ALA A 340 -21.21 1.73 -9.90
CA ALA A 340 -20.96 2.01 -8.48
C ALA A 340 -21.55 3.34 -8.07
N LEU A 341 -21.38 4.38 -8.90
CA LEU A 341 -21.90 5.70 -8.56
C LEU A 341 -23.43 5.72 -8.53
N GLU A 342 -24.06 5.11 -9.53
CA GLU A 342 -25.52 5.04 -9.54
C GLU A 342 -26.04 4.24 -8.35
N THR A 343 -25.36 3.15 -8.00
CA THR A 343 -25.78 2.33 -6.87
C THR A 343 -25.61 3.07 -5.56
N VAL A 344 -24.55 3.87 -5.41
CA VAL A 344 -24.43 4.71 -4.22
C VAL A 344 -25.58 5.69 -4.14
N GLN A 345 -25.90 6.34 -5.26
CA GLN A 345 -27.04 7.25 -5.27
C GLN A 345 -28.32 6.55 -4.86
N ARG A 346 -28.51 5.31 -5.29
CA ARG A 346 -29.75 4.60 -5.00
C ARG A 346 -29.80 4.07 -3.57
N LEU A 347 -28.66 3.61 -3.03
CA LEU A 347 -28.63 2.85 -1.79
C LEU A 347 -27.99 3.59 -0.62
N LEU A 348 -27.64 4.86 -0.76
CA LEU A 348 -27.08 5.57 0.39
C LEU A 348 -28.11 5.92 1.46
N PRO A 349 -29.35 6.28 1.15
CA PRO A 349 -30.33 6.51 2.22
C PRO A 349 -30.84 5.25 2.90
N VAL A 350 -30.38 4.06 2.50
CA VAL A 350 -30.82 2.81 3.08
C VAL A 350 -29.74 2.18 3.96
N LEU A 351 -28.51 2.08 3.46
CA LEU A 351 -27.42 1.57 4.28
C LEU A 351 -26.98 2.55 5.36
N CYS A 352 -27.51 3.77 5.35
CA CYS A 352 -27.21 4.73 6.40
C CYS A 352 -28.35 4.89 7.41
N GLN A 353 -29.55 4.46 7.06
CA GLN A 353 -30.72 4.60 7.93
C GLN A 353 -31.20 3.30 8.53
N ALA A 354 -31.07 2.18 7.81
CA ALA A 354 -31.55 0.90 8.29
C ALA A 354 -30.44 0.00 8.81
N HIS A 355 -29.35 -0.12 8.06
CA HIS A 355 -28.25 -1.01 8.43
C HIS A 355 -27.17 -0.33 9.26
N GLY A 356 -27.28 0.97 9.49
CA GLY A 356 -26.41 1.65 10.42
C GLY A 356 -25.02 2.00 9.91
N LEU A 357 -24.70 1.70 8.67
CA LEU A 357 -23.40 2.07 8.13
C LEU A 357 -23.35 3.58 7.87
N THR A 358 -22.19 4.16 8.15
CA THR A 358 -21.95 5.57 7.92
C THR A 358 -21.54 5.81 6.48
N PRO A 359 -21.72 7.05 5.98
CA PRO A 359 -21.36 7.33 4.58
C PRO A 359 -19.90 7.02 4.24
N GLU A 360 -18.98 7.18 5.18
CA GLU A 360 -17.60 6.82 4.91
C GLU A 360 -17.46 5.33 4.60
N GLN A 361 -18.22 4.50 5.30
CA GLN A 361 -18.13 3.06 5.08
C GLN A 361 -18.76 2.65 3.75
N VAL A 362 -19.88 3.29 3.38
CA VAL A 362 -20.50 3.01 2.09
C VAL A 362 -19.57 3.43 0.96
N VAL A 363 -18.94 4.60 1.08
CA VAL A 363 -18.01 5.04 0.06
C VAL A 363 -16.78 4.15 0.00
N ALA A 364 -16.35 3.61 1.14
CA ALA A 364 -15.23 2.67 1.13
C ALA A 364 -15.60 1.36 0.45
N ILE A 365 -16.83 0.88 0.69
CA ILE A 365 -17.29 -0.34 0.03
C ILE A 365 -17.37 -0.14 -1.47
N ALA A 366 -17.92 1.00 -1.91
CA ALA A 366 -18.15 1.24 -3.32
C ALA A 366 -16.93 1.74 -4.07
N SER A 367 -15.87 2.16 -3.39
CA SER A 367 -14.68 2.65 -4.07
C SER A 367 -13.79 1.50 -4.51
N ASN A 368 -14.34 0.52 -5.23
CA ASN A 368 -13.58 -0.64 -5.66
C ASN A 368 -14.13 -1.12 -6.99
N ILE A 369 -13.44 -2.12 -7.55
CA ILE A 369 -13.91 -2.75 -8.78
C ILE A 369 -15.14 -3.61 -8.48
N GLY A 370 -16.21 -3.39 -9.23
CA GLY A 370 -17.45 -4.09 -8.96
C GLY A 370 -18.03 -3.72 -7.61
N GLY A 371 -18.06 -2.42 -7.31
CA GLY A 371 -18.61 -1.95 -6.05
C GLY A 371 -20.12 -2.00 -5.98
N LYS A 372 -20.79 -2.04 -7.13
CA LYS A 372 -22.23 -2.24 -7.13
C LYS A 372 -22.60 -3.59 -6.55
N GLN A 373 -21.87 -4.63 -6.95
CA GLN A 373 -22.15 -5.97 -6.44
C GLN A 373 -21.83 -6.06 -4.96
N ALA A 374 -20.71 -5.51 -4.52
CA ALA A 374 -20.36 -5.53 -3.11
C ALA A 374 -21.40 -4.79 -2.29
N LEU A 375 -21.88 -3.66 -2.80
CA LEU A 375 -22.80 -2.84 -2.03
C LEU A 375 -24.18 -3.49 -1.94
N GLU A 376 -24.66 -4.07 -3.04
CA GLU A 376 -25.91 -4.82 -3.01
C GLU A 376 -25.80 -6.05 -2.10
N THR A 377 -24.68 -6.75 -2.16
CA THR A 377 -24.50 -7.93 -1.32
C THR A 377 -24.43 -7.56 0.16
N VAL A 378 -23.80 -6.43 0.49
CA VAL A 378 -23.82 -5.96 1.86
C VAL A 378 -25.24 -5.68 2.30
N GLN A 379 -26.01 -4.99 1.46
CA GLN A 379 -27.40 -4.73 1.81
C GLN A 379 -28.16 -6.03 2.05
N ARG A 380 -27.88 -7.06 1.25
CA ARG A 380 -28.63 -8.32 1.38
C ARG A 380 -28.20 -9.10 2.62
N LEU A 381 -26.90 -9.19 2.88
CA LEU A 381 -26.36 -10.16 3.82
C LEU A 381 -25.95 -9.58 5.17
N LEU A 382 -25.92 -8.26 5.33
CA LEU A 382 -25.47 -7.69 6.59
C LEU A 382 -26.34 -8.10 7.78
N PRO A 383 -27.68 -8.16 7.68
CA PRO A 383 -28.46 -8.70 8.81
C PRO A 383 -28.32 -10.20 9.01
N VAL A 384 -27.70 -10.93 8.08
CA VAL A 384 -27.55 -12.38 8.19
C VAL A 384 -26.19 -12.76 8.73
N LEU A 385 -25.12 -12.19 8.19
CA LEU A 385 -23.78 -12.45 8.71
C LEU A 385 -23.62 -11.93 10.13
N CYS A 386 -24.20 -10.78 10.45
CA CYS A 386 -23.98 -10.17 11.75
C CYS A 386 -24.84 -10.79 12.84
N GLN A 387 -25.78 -11.67 12.50
CA GLN A 387 -26.63 -12.30 13.49
C GLN A 387 -26.43 -13.80 13.58
N ALA A 388 -26.48 -14.51 12.45
CA ALA A 388 -26.36 -15.96 12.47
C ALA A 388 -24.93 -16.44 12.69
N HIS A 389 -23.94 -15.69 12.19
CA HIS A 389 -22.55 -16.13 12.21
C HIS A 389 -21.69 -15.36 13.20
N GLY A 390 -22.26 -14.41 13.95
CA GLY A 390 -21.54 -13.75 15.01
C GLY A 390 -20.61 -12.63 14.60
N LEU A 391 -20.57 -12.28 13.32
CA LEU A 391 -19.72 -11.19 12.88
C LEU A 391 -20.24 -9.85 13.39
N THR A 392 -19.52 -8.79 13.04
CA THR A 392 -19.86 -7.41 13.38
C THR A 392 -19.86 -6.57 12.12
N PRO A 393 -20.59 -5.46 12.10
CA PRO A 393 -20.65 -4.64 10.87
C PRO A 393 -19.30 -4.18 10.38
N GLU A 394 -18.36 -3.91 11.28
CA GLU A 394 -17.02 -3.51 10.85
C GLU A 394 -16.31 -4.65 10.13
N GLN A 395 -16.50 -5.88 10.60
CA GLN A 395 -15.87 -7.02 9.95
C GLN A 395 -16.47 -7.29 8.58
N VAL A 396 -17.79 -7.17 8.45
CA VAL A 396 -18.44 -7.35 7.16
C VAL A 396 -17.98 -6.26 6.19
N VAL A 397 -17.91 -5.02 6.66
CA VAL A 397 -17.47 -3.93 5.79
C VAL A 397 -16.02 -4.12 5.39
N ALA A 398 -15.19 -4.67 6.28
CA ALA A 398 -13.80 -4.92 5.93
C ALA A 398 -13.66 -6.06 4.94
N ILE A 399 -14.57 -7.04 4.99
CA ILE A 399 -14.59 -8.09 3.98
C ILE A 399 -15.00 -7.53 2.64
N ALA A 400 -16.02 -6.68 2.62
CA ALA A 400 -16.59 -6.17 1.37
C ALA A 400 -15.74 -5.08 0.71
N SER A 401 -14.84 -4.45 1.46
CA SER A 401 -14.09 -3.32 0.91
C SER A 401 -12.92 -3.78 0.06
N HIS A 402 -13.16 -4.61 -0.94
CA HIS A 402 -12.11 -5.12 -1.81
C HIS A 402 -12.69 -5.37 -3.19
N ASP A 403 -11.80 -5.68 -4.15
CA ASP A 403 -12.21 -5.78 -5.54
C ASP A 403 -13.14 -6.96 -5.81
N GLY A 404 -13.25 -7.90 -4.89
CA GLY A 404 -14.14 -9.03 -5.06
C GLY A 404 -15.04 -9.26 -3.86
N GLY A 405 -15.54 -8.17 -3.26
CA GLY A 405 -16.19 -8.26 -1.97
C GLY A 405 -17.45 -9.11 -1.97
N LYS A 406 -18.19 -9.14 -3.08
CA LYS A 406 -19.39 -9.95 -3.14
C LYS A 406 -19.06 -11.43 -3.00
N GLN A 407 -18.05 -11.89 -3.74
CA GLN A 407 -17.66 -13.29 -3.68
C GLN A 407 -17.08 -13.65 -2.32
N ALA A 408 -16.27 -12.75 -1.75
CA ALA A 408 -15.73 -13.01 -0.41
C ALA A 408 -16.84 -13.12 0.62
N LEU A 409 -17.83 -12.22 0.57
CA LEU A 409 -18.92 -12.27 1.54
C LEU A 409 -19.76 -13.52 1.38
N GLU A 410 -20.09 -13.89 0.15
CA GLU A 410 -20.88 -15.09 -0.07
C GLU A 410 -20.12 -16.34 0.37
N THR A 411 -18.81 -16.39 0.09
CA THR A 411 -18.02 -17.54 0.50
C THR A 411 -17.87 -17.62 2.02
N VAL A 412 -17.75 -16.47 2.69
CA VAL A 412 -17.70 -16.48 4.15
C VAL A 412 -19.01 -17.01 4.72
N GLN A 413 -20.14 -16.54 4.19
CA GLN A 413 -21.42 -17.06 4.64
C GLN A 413 -21.54 -18.56 4.38
N ARG A 414 -20.93 -19.04 3.30
CA ARG A 414 -20.99 -20.46 2.98
C ARG A 414 -20.10 -21.30 3.89
N LEU A 415 -18.90 -20.80 4.20
CA LEU A 415 -17.84 -21.63 4.77
C LEU A 415 -17.53 -21.36 6.23
N LEU A 416 -18.16 -20.37 6.86
CA LEU A 416 -17.97 -20.21 8.30
C LEU A 416 -18.43 -21.42 9.10
N PRO A 417 -19.59 -22.03 8.85
CA PRO A 417 -19.92 -23.26 9.58
C PRO A 417 -18.94 -24.40 9.34
N VAL A 418 -18.26 -24.44 8.21
CA VAL A 418 -17.39 -25.58 7.88
C VAL A 418 -16.00 -25.40 8.45
N LEU A 419 -15.34 -24.27 8.18
CA LEU A 419 -13.96 -24.09 8.62
C LEU A 419 -13.87 -24.05 10.14
N CYS A 420 -14.81 -23.37 10.80
CA CYS A 420 -14.67 -23.09 12.23
C CYS A 420 -14.82 -24.32 13.11
N GLN A 421 -15.30 -25.43 12.59
CA GLN A 421 -15.40 -26.65 13.39
C GLN A 421 -14.72 -27.86 12.78
N ALA A 422 -14.74 -27.99 11.45
CA ALA A 422 -14.08 -29.11 10.80
C ALA A 422 -12.60 -28.88 10.59
N HIS A 423 -12.10 -27.66 10.85
CA HIS A 423 -10.67 -27.39 10.77
C HIS A 423 -10.13 -26.56 11.92
N GLY A 424 -10.97 -25.99 12.79
CA GLY A 424 -10.49 -25.31 13.96
C GLY A 424 -10.21 -23.84 13.80
N LEU A 425 -10.30 -23.29 12.59
CA LEU A 425 -10.00 -21.88 12.37
C LEU A 425 -10.96 -21.00 13.15
N THR A 426 -10.40 -20.20 14.06
CA THR A 426 -11.21 -19.24 14.80
C THR A 426 -11.80 -18.22 13.83
N PRO A 427 -13.02 -17.72 14.06
CA PRO A 427 -13.66 -16.84 13.07
C PRO A 427 -12.85 -15.61 12.69
N GLU A 428 -12.03 -15.06 13.59
CA GLU A 428 -11.19 -13.95 13.18
C GLU A 428 -10.14 -14.38 12.17
N GLN A 429 -9.70 -15.64 12.21
CA GLN A 429 -8.78 -16.13 11.20
C GLN A 429 -9.43 -16.23 9.84
N VAL A 430 -10.69 -16.69 9.78
CA VAL A 430 -11.42 -16.74 8.52
C VAL A 430 -11.64 -15.34 7.98
N VAL A 431 -12.01 -14.39 8.85
CA VAL A 431 -12.23 -13.03 8.42
C VAL A 431 -10.93 -12.39 7.94
N ALA A 432 -9.80 -12.78 8.51
CA ALA A 432 -8.51 -12.26 8.04
C ALA A 432 -8.12 -12.88 6.71
N ILE A 433 -8.44 -14.15 6.51
CA ILE A 433 -8.18 -14.78 5.21
C ILE A 433 -9.01 -14.13 4.11
N ALA A 434 -10.29 -13.88 4.38
CA ALA A 434 -11.22 -13.39 3.37
C ALA A 434 -11.13 -11.89 3.14
N SER A 435 -10.49 -11.14 4.02
CA SER A 435 -10.37 -9.69 3.85
C SER A 435 -9.21 -9.34 2.94
N ASN A 436 -9.18 -9.94 1.75
CA ASN A 436 -8.11 -9.71 0.79
C ASN A 436 -8.70 -9.75 -0.61
N GLY A 437 -7.87 -9.41 -1.60
CA GLY A 437 -8.36 -9.32 -2.96
C GLY A 437 -8.84 -10.64 -3.52
N GLY A 438 -8.11 -11.72 -3.24
CA GLY A 438 -8.57 -13.04 -3.62
C GLY A 438 -9.83 -13.41 -2.84
N GLY A 439 -9.68 -13.58 -1.53
CA GLY A 439 -10.81 -13.74 -0.64
C GLY A 439 -11.53 -15.06 -0.76
N LYS A 440 -12.27 -15.25 -1.85
CA LYS A 440 -12.99 -16.50 -2.04
C LYS A 440 -12.04 -17.62 -2.45
N GLN A 441 -11.08 -17.30 -3.33
CA GLN A 441 -10.16 -18.32 -3.81
C GLN A 441 -9.25 -18.81 -2.68
N ALA A 442 -8.67 -17.87 -1.91
CA ALA A 442 -7.79 -18.26 -0.81
C ALA A 442 -8.55 -19.05 0.24
N LEU A 443 -9.80 -18.68 0.52
CA LEU A 443 -10.58 -19.36 1.53
C LEU A 443 -10.94 -20.78 1.10
N GLU A 444 -11.38 -20.96 -0.15
CA GLU A 444 -11.67 -22.29 -0.65
C GLU A 444 -10.41 -23.15 -0.70
N THR A 445 -9.28 -22.57 -1.11
CA THR A 445 -8.03 -23.31 -1.14
C THR A 445 -7.59 -23.72 0.26
N VAL A 446 -7.78 -22.84 1.25
CA VAL A 446 -7.46 -23.20 2.63
C VAL A 446 -8.32 -24.37 3.07
N GLN A 447 -9.62 -24.32 2.76
CA GLN A 447 -10.49 -25.45 3.11
C GLN A 447 -10.01 -26.73 2.47
N ARG A 448 -9.54 -26.65 1.22
CA ARG A 448 -9.11 -27.86 0.52
C ARG A 448 -7.76 -28.38 1.02
N LEU A 449 -6.89 -27.49 1.50
CA LEU A 449 -5.48 -27.85 1.72
C LEU A 449 -5.05 -27.88 3.19
N LEU A 450 -5.89 -27.48 4.15
CA LEU A 450 -5.50 -27.67 5.53
C LEU A 450 -5.22 -29.13 5.90
N PRO A 451 -6.02 -30.12 5.51
CA PRO A 451 -5.69 -31.50 5.90
C PRO A 451 -4.49 -32.08 5.18
N VAL A 452 -3.85 -31.34 4.26
CA VAL A 452 -2.71 -31.84 3.53
C VAL A 452 -1.43 -31.25 4.08
N LEU A 453 -1.31 -29.91 4.01
CA LEU A 453 -0.10 -29.25 4.48
C LEU A 453 0.16 -29.50 5.96
N CYS A 454 -0.89 -29.71 6.74
CA CYS A 454 -0.76 -29.91 8.18
C CYS A 454 -0.50 -31.36 8.56
N GLN A 455 -0.56 -32.28 7.60
CA GLN A 455 -0.37 -33.70 7.89
C GLN A 455 0.84 -34.30 7.19
N ALA A 456 1.06 -33.97 5.92
CA ALA A 456 2.18 -34.54 5.18
C ALA A 456 3.41 -33.62 5.23
N HIS A 457 3.26 -32.38 4.77
CA HIS A 457 4.39 -31.47 4.71
C HIS A 457 4.84 -30.97 6.08
N GLY A 458 4.08 -31.25 7.12
CA GLY A 458 4.52 -30.92 8.46
C GLY A 458 4.37 -29.48 8.88
N LEU A 459 3.36 -28.77 8.36
CA LEU A 459 3.10 -27.42 8.80
C LEU A 459 2.05 -27.42 9.92
N THR A 460 1.68 -26.23 10.37
CA THR A 460 0.66 -26.03 11.39
C THR A 460 -0.36 -25.03 10.86
N PRO A 461 -1.61 -25.09 11.33
CA PRO A 461 -2.65 -24.22 10.76
C PRO A 461 -2.33 -22.74 10.84
N GLU A 462 -1.55 -22.32 11.83
CA GLU A 462 -1.16 -20.91 11.90
C GLU A 462 -0.31 -20.52 10.71
N GLN A 463 0.60 -21.39 10.29
CA GLN A 463 1.44 -21.10 9.13
C GLN A 463 0.62 -21.05 7.85
N VAL A 464 -0.37 -21.95 7.72
CA VAL A 464 -1.22 -21.93 6.54
C VAL A 464 -2.05 -20.66 6.49
N VAL A 465 -2.59 -20.23 7.62
CA VAL A 465 -3.40 -19.01 7.64
C VAL A 465 -2.51 -17.78 7.47
N ALA A 466 -1.22 -17.89 7.78
CA ALA A 466 -0.30 -16.79 7.51
C ALA A 466 0.05 -16.72 6.02
N ILE A 467 0.22 -17.87 5.39
CA ILE A 467 0.49 -17.90 3.94
C ILE A 467 -0.72 -17.38 3.17
N ALA A 468 -1.92 -17.75 3.60
CA ALA A 468 -3.14 -17.47 2.86
C ALA A 468 -3.68 -16.06 3.04
N SER A 469 -3.19 -15.31 4.03
CA SER A 469 -3.73 -13.99 4.33
C SER A 469 -3.07 -12.90 3.49
N HIS A 470 -3.04 -13.07 2.18
CA HIS A 470 -2.36 -12.12 1.30
C HIS A 470 -3.08 -12.07 -0.05
N ASP A 471 -2.67 -11.12 -0.88
CA ASP A 471 -3.25 -10.96 -2.21
C ASP A 471 -2.76 -12.08 -3.12
N GLY A 472 -3.63 -13.05 -3.38
CA GLY A 472 -3.22 -14.20 -4.17
C GLY A 472 -2.59 -15.27 -3.30
N GLY A 473 -3.27 -15.63 -2.20
CA GLY A 473 -2.77 -16.67 -1.32
C GLY A 473 -3.12 -18.07 -1.76
N LYS A 474 -4.06 -18.23 -2.68
CA LYS A 474 -4.31 -19.53 -3.28
C LYS A 474 -3.10 -20.00 -4.07
N GLN A 475 -2.50 -19.09 -4.85
CA GLN A 475 -1.30 -19.43 -5.61
C GLN A 475 -0.15 -19.74 -4.67
N ALA A 476 0.00 -18.96 -3.60
CA ALA A 476 1.06 -19.23 -2.63
C ALA A 476 0.89 -20.59 -1.97
N LEU A 477 -0.34 -20.94 -1.59
CA LEU A 477 -0.58 -22.23 -0.95
C LEU A 477 -0.30 -23.38 -1.91
N GLU A 478 -0.79 -23.28 -3.15
CA GLU A 478 -0.53 -24.35 -4.11
C GLU A 478 0.96 -24.49 -4.39
N THR A 479 1.66 -23.37 -4.53
CA THR A 479 3.10 -23.41 -4.79
C THR A 479 3.85 -24.00 -3.61
N VAL A 480 3.46 -23.68 -2.38
CA VAL A 480 4.11 -24.27 -1.21
C VAL A 480 3.90 -25.77 -1.21
N GLN A 481 2.66 -26.22 -1.48
CA GLN A 481 2.42 -27.65 -1.53
C GLN A 481 3.28 -28.32 -2.58
N ARG A 482 3.49 -27.66 -3.72
CA ARG A 482 4.26 -28.27 -4.80
C ARG A 482 5.76 -28.25 -4.54
N LEU A 483 6.27 -27.21 -3.86
CA LEU A 483 7.69 -26.94 -3.79
C LEU A 483 8.34 -27.22 -2.44
N LEU A 484 7.58 -27.36 -1.36
CA LEU A 484 8.19 -27.59 -0.06
C LEU A 484 9.05 -28.84 -0.01
N PRO A 485 8.65 -29.99 -0.55
CA PRO A 485 9.56 -31.14 -0.58
C PRO A 485 10.83 -30.90 -1.39
N VAL A 486 10.84 -29.93 -2.30
CA VAL A 486 12.00 -29.73 -3.17
C VAL A 486 13.00 -28.77 -2.54
N LEU A 487 12.54 -27.60 -2.10
CA LEU A 487 13.43 -26.62 -1.50
C LEU A 487 14.00 -27.08 -0.18
N CYS A 488 13.40 -28.08 0.47
CA CYS A 488 13.88 -28.55 1.75
C CYS A 488 14.90 -29.66 1.64
N GLN A 489 15.09 -30.24 0.46
CA GLN A 489 16.06 -31.31 0.26
C GLN A 489 17.11 -30.95 -0.78
N ALA A 490 16.70 -30.45 -1.93
CA ALA A 490 17.65 -30.15 -3.00
C ALA A 490 18.43 -28.87 -2.73
N HIS A 491 17.78 -27.87 -2.13
CA HIS A 491 18.40 -26.58 -1.90
C HIS A 491 18.84 -26.36 -0.46
N GLY A 492 18.42 -27.22 0.46
CA GLY A 492 18.89 -27.14 1.83
C GLY A 492 18.16 -26.17 2.74
N LEU A 493 16.99 -25.67 2.32
CA LEU A 493 16.24 -24.74 3.15
C LEU A 493 15.50 -25.51 4.24
N THR A 494 14.62 -24.82 4.96
CA THR A 494 13.82 -25.38 6.05
C THR A 494 12.40 -24.88 5.91
N PRO A 495 11.43 -25.60 6.50
CA PRO A 495 10.02 -25.17 6.35
C PRO A 495 9.74 -23.77 6.86
N GLU A 496 10.44 -23.31 7.89
CA GLU A 496 10.25 -21.94 8.37
C GLU A 496 10.67 -20.93 7.32
N GLN A 497 11.79 -21.18 6.65
CA GLN A 497 12.26 -20.26 5.62
C GLN A 497 11.32 -20.24 4.42
N VAL A 498 10.81 -21.41 4.02
CA VAL A 498 9.88 -21.47 2.90
C VAL A 498 8.58 -20.75 3.24
N VAL A 499 8.09 -20.92 4.47
CA VAL A 499 6.87 -20.24 4.89
C VAL A 499 7.10 -18.73 4.97
N ALA A 500 8.31 -18.30 5.36
CA ALA A 500 8.59 -16.87 5.39
C ALA A 500 8.69 -16.28 4.00
N ILE A 501 9.25 -17.04 3.06
CA ILE A 501 9.29 -16.60 1.66
C ILE A 501 7.88 -16.49 1.10
N ALA A 502 7.02 -17.45 1.43
CA ALA A 502 5.69 -17.53 0.83
C ALA A 502 4.69 -16.58 1.44
N SER A 503 4.94 -16.08 2.64
CA SER A 503 3.96 -15.28 3.37
C SER A 503 4.02 -13.80 2.97
N HIS A 504 3.82 -13.56 1.67
CA HIS A 504 3.81 -12.20 1.15
C HIS A 504 2.92 -12.14 -0.07
N ASP A 505 2.73 -10.93 -0.60
CA ASP A 505 1.95 -10.74 -1.83
C ASP A 505 2.76 -11.23 -3.01
N GLY A 506 2.30 -12.28 -3.67
CA GLY A 506 3.05 -12.87 -4.75
C GLY A 506 4.20 -13.70 -4.23
N GLY A 507 3.91 -14.63 -3.31
CA GLY A 507 4.91 -15.56 -2.83
C GLY A 507 5.14 -16.74 -3.75
N LYS A 508 4.22 -16.98 -4.69
CA LYS A 508 4.47 -17.96 -5.73
C LYS A 508 5.66 -17.56 -6.59
N GLN A 509 5.71 -16.28 -6.98
CA GLN A 509 6.80 -15.80 -7.81
C GLN A 509 8.12 -15.83 -7.06
N ALA A 510 8.12 -15.41 -5.79
CA ALA A 510 9.33 -15.44 -5.00
C ALA A 510 9.82 -16.86 -4.78
N LEU A 511 8.91 -17.80 -4.52
CA LEU A 511 9.31 -19.19 -4.34
C LEU A 511 9.89 -19.77 -5.61
N GLU A 512 9.25 -19.50 -6.76
CA GLU A 512 9.77 -20.02 -8.03
C GLU A 512 11.13 -19.43 -8.36
N THR A 513 11.29 -18.11 -8.18
CA THR A 513 12.58 -17.51 -8.50
C THR A 513 13.66 -17.93 -7.52
N VAL A 514 13.29 -18.22 -6.27
CA VAL A 514 14.29 -18.75 -5.33
C VAL A 514 14.74 -20.13 -5.77
N GLN A 515 13.80 -21.01 -6.11
CA GLN A 515 14.17 -22.32 -6.61
C GLN A 515 15.05 -22.21 -7.85
N ARG A 516 14.79 -21.21 -8.69
CA ARG A 516 15.56 -21.06 -9.92
C ARG A 516 16.95 -20.46 -9.70
N LEU A 517 17.08 -19.54 -8.74
CA LEU A 517 18.28 -18.72 -8.62
C LEU A 517 19.20 -19.07 -7.45
N LEU A 518 18.71 -19.79 -6.45
CA LEU A 518 19.57 -20.13 -5.33
C LEU A 518 20.83 -20.89 -5.74
N PRO A 519 20.80 -21.85 -6.67
CA PRO A 519 22.06 -22.46 -7.12
C PRO A 519 23.04 -21.47 -7.74
N VAL A 520 22.54 -20.38 -8.33
CA VAL A 520 23.39 -19.41 -9.02
C VAL A 520 23.91 -18.37 -8.04
N LEU A 521 22.98 -17.72 -7.33
CA LEU A 521 23.36 -16.65 -6.41
C LEU A 521 24.31 -17.15 -5.33
N CYS A 522 24.04 -18.34 -4.78
CA CYS A 522 24.81 -18.86 -3.67
C CYS A 522 26.11 -19.54 -4.09
N GLN A 523 26.39 -19.63 -5.39
CA GLN A 523 27.57 -20.33 -5.86
C GLN A 523 28.42 -19.55 -6.85
N ALA A 524 27.89 -18.52 -7.50
CA ALA A 524 28.68 -17.67 -8.38
C ALA A 524 29.05 -16.35 -7.72
N HIS A 525 28.06 -15.58 -7.29
CA HIS A 525 28.33 -14.26 -6.73
C HIS A 525 28.83 -14.31 -5.29
N GLY A 526 28.72 -15.46 -4.62
CA GLY A 526 29.23 -15.60 -3.27
C GLY A 526 28.23 -15.40 -2.17
N LEU A 527 26.94 -15.22 -2.49
CA LEU A 527 25.93 -15.09 -1.46
C LEU A 527 25.77 -16.41 -0.70
N THR A 528 24.93 -16.39 0.32
CA THR A 528 24.59 -17.54 1.13
C THR A 528 23.08 -17.69 1.16
N PRO A 529 22.58 -18.90 1.44
CA PRO A 529 21.12 -19.09 1.47
C PRO A 529 20.40 -18.17 2.44
N GLU A 530 21.06 -17.76 3.52
CA GLU A 530 20.44 -16.82 4.44
C GLU A 530 20.19 -15.47 3.78
N GLN A 531 21.16 -14.98 3.00
CA GLN A 531 21.00 -13.69 2.34
C GLN A 531 19.96 -13.76 1.23
N VAL A 532 19.93 -14.87 0.49
CA VAL A 532 18.93 -15.04 -0.56
C VAL A 532 17.53 -15.11 0.03
N VAL A 533 17.38 -15.83 1.14
CA VAL A 533 16.08 -15.91 1.80
C VAL A 533 15.68 -14.55 2.36
N ALA A 534 16.64 -13.76 2.83
CA ALA A 534 16.32 -12.43 3.34
C ALA A 534 15.90 -11.49 2.22
N ILE A 535 16.53 -11.60 1.05
CA ILE A 535 16.12 -10.79 -0.10
C ILE A 535 14.73 -11.20 -0.57
N ALA A 536 14.47 -12.52 -0.64
CA ALA A 536 13.22 -13.01 -1.20
C ALA A 536 12.03 -12.80 -0.26
N SER A 537 12.29 -12.70 1.04
CA SER A 537 11.22 -12.63 2.03
C SER A 537 10.66 -11.20 2.12
N ASN A 538 10.26 -10.68 0.96
CA ASN A 538 9.73 -9.32 0.89
C ASN A 538 8.66 -9.25 -0.18
N GLY A 539 8.08 -8.08 -0.34
CA GLY A 539 6.94 -7.90 -1.23
C GLY A 539 7.21 -8.27 -2.68
N GLY A 540 8.04 -7.49 -3.37
CA GLY A 540 8.45 -7.84 -4.71
C GLY A 540 9.75 -8.61 -4.71
N GLY A 541 9.78 -9.73 -3.98
CA GLY A 541 11.03 -10.45 -3.80
C GLY A 541 11.60 -11.03 -5.08
N LYS A 542 10.73 -11.41 -6.01
CA LYS A 542 11.21 -11.89 -7.31
C LYS A 542 11.97 -10.79 -8.05
N GLN A 543 11.42 -9.58 -8.04
CA GLN A 543 12.08 -8.46 -8.71
C GLN A 543 13.40 -8.14 -8.05
N ALA A 544 13.43 -8.07 -6.71
CA ALA A 544 14.66 -7.76 -6.00
C ALA A 544 15.71 -8.84 -6.24
N LEU A 545 15.29 -10.10 -6.30
CA LEU A 545 16.25 -11.19 -6.47
C LEU A 545 16.84 -11.20 -7.87
N GLU A 546 16.00 -11.00 -8.90
CA GLU A 546 16.52 -10.90 -10.27
C GLU A 546 17.42 -9.68 -10.42
N THR A 547 17.04 -8.56 -9.81
CA THR A 547 17.86 -7.35 -9.89
C THR A 547 19.21 -7.55 -9.20
N VAL A 548 19.22 -8.24 -8.06
CA VAL A 548 20.49 -8.53 -7.40
C VAL A 548 21.36 -9.39 -8.30
N GLN A 549 20.78 -10.42 -8.91
CA GLN A 549 21.54 -11.21 -9.87
C GLN A 549 22.15 -10.34 -10.95
N ARG A 550 21.37 -9.40 -11.48
CA ARG A 550 21.83 -8.59 -12.62
C ARG A 550 22.88 -7.57 -12.21
N LEU A 551 22.74 -6.97 -11.03
CA LEU A 551 23.53 -5.81 -10.65
C LEU A 551 24.67 -6.10 -9.68
N LEU A 552 24.69 -7.26 -9.01
CA LEU A 552 25.77 -7.53 -8.07
C LEU A 552 27.14 -7.60 -8.72
N PRO A 553 27.32 -8.13 -9.96
CA PRO A 553 28.64 -8.06 -10.58
C PRO A 553 28.98 -6.68 -11.14
N VAL A 554 28.20 -5.67 -10.80
CA VAL A 554 28.46 -4.31 -11.29
C VAL A 554 28.67 -3.38 -10.11
N LEU A 555 27.70 -3.32 -9.20
CA LEU A 555 27.78 -2.38 -8.09
C LEU A 555 28.98 -2.63 -7.21
N CYS A 556 29.44 -3.88 -7.12
CA CYS A 556 30.60 -4.21 -6.31
C CYS A 556 31.90 -4.22 -7.12
N GLN A 557 31.85 -3.86 -8.39
CA GLN A 557 33.03 -3.82 -9.25
C GLN A 557 33.41 -2.40 -9.64
N ALA A 558 32.44 -1.59 -10.07
CA ALA A 558 32.72 -0.22 -10.48
C ALA A 558 32.48 0.77 -9.34
N HIS A 559 31.26 0.78 -8.79
CA HIS A 559 30.89 1.77 -7.79
C HIS A 559 31.57 1.53 -6.45
N GLY A 560 32.04 0.33 -6.18
CA GLY A 560 32.85 0.06 -5.01
C GLY A 560 32.13 -0.54 -3.82
N LEU A 561 30.84 -0.84 -3.94
CA LEU A 561 30.11 -1.41 -2.81
C LEU A 561 30.61 -2.83 -2.52
N THR A 562 30.07 -3.40 -1.45
CA THR A 562 30.32 -4.77 -1.04
C THR A 562 29.03 -5.56 -1.03
N PRO A 563 29.10 -6.89 -1.14
CA PRO A 563 27.86 -7.68 -1.19
C PRO A 563 26.93 -7.47 0.00
N GLU A 564 27.49 -7.19 1.18
CA GLU A 564 26.62 -6.95 2.33
C GLU A 564 25.80 -5.68 2.16
N GLN A 565 26.41 -4.62 1.61
CA GLN A 565 25.66 -3.39 1.39
C GLN A 565 24.59 -3.56 0.33
N VAL A 566 24.90 -4.28 -0.75
CA VAL A 566 23.91 -4.51 -1.80
C VAL A 566 22.75 -5.34 -1.27
N VAL A 567 23.04 -6.38 -0.47
CA VAL A 567 21.98 -7.19 0.10
C VAL A 567 21.14 -6.37 1.06
N ALA A 568 21.76 -5.47 1.82
CA ALA A 568 21.00 -4.62 2.74
C ALA A 568 20.11 -3.65 1.98
N ILE A 569 20.59 -3.13 0.85
CA ILE A 569 19.77 -2.27 0.01
C ILE A 569 18.59 -3.05 -0.55
N ALA A 570 18.82 -4.31 -0.94
CA ALA A 570 17.80 -5.11 -1.61
C ALA A 570 16.80 -5.76 -0.66
N SER A 571 17.15 -5.92 0.61
CA SER A 571 16.30 -6.66 1.53
C SER A 571 15.16 -5.80 2.07
N HIS A 572 14.40 -5.16 1.19
CA HIS A 572 13.29 -4.31 1.59
C HIS A 572 12.24 -4.32 0.48
N ASP A 573 11.06 -3.77 0.80
CA ASP A 573 10.01 -3.66 -0.21
C ASP A 573 10.45 -2.70 -1.31
N GLY A 574 10.25 -3.12 -2.56
CA GLY A 574 10.73 -2.31 -3.67
C GLY A 574 12.24 -2.18 -3.69
N GLY A 575 12.96 -3.27 -3.43
CA GLY A 575 14.41 -3.23 -3.46
C GLY A 575 14.99 -3.13 -4.86
N LYS A 576 14.23 -3.52 -5.88
CA LYS A 576 14.69 -3.32 -7.25
C LYS A 576 14.79 -1.83 -7.57
N GLN A 577 13.75 -1.07 -7.23
CA GLN A 577 13.77 0.36 -7.48
C GLN A 577 14.90 1.04 -6.72
N ALA A 578 15.05 0.70 -5.44
CA ALA A 578 16.10 1.32 -4.63
C ALA A 578 17.49 0.97 -5.15
N LEU A 579 17.67 -0.27 -5.61
CA LEU A 579 19.00 -0.70 -6.03
C LEU A 579 19.36 -0.10 -7.38
N GLU A 580 18.40 -0.03 -8.31
CA GLU A 580 18.65 0.66 -9.57
C GLU A 580 18.89 2.16 -9.36
N THR A 581 18.14 2.77 -8.44
CA THR A 581 18.34 4.18 -8.13
C THR A 581 19.73 4.41 -7.54
N VAL A 582 20.21 3.49 -6.71
CA VAL A 582 21.57 3.60 -6.19
C VAL A 582 22.58 3.53 -7.32
N GLN A 583 22.38 2.58 -8.25
CA GLN A 583 23.25 2.52 -9.41
C GLN A 583 23.27 3.85 -10.15
N ARG A 584 22.11 4.46 -10.35
CA ARG A 584 22.02 5.68 -11.14
C ARG A 584 22.58 6.90 -10.41
N LEU A 585 22.44 6.95 -9.09
CA LEU A 585 22.71 8.17 -8.34
C LEU A 585 23.91 8.09 -7.40
N LEU A 586 24.66 7.00 -7.38
CA LEU A 586 25.86 6.98 -6.56
C LEU A 586 26.90 8.00 -7.00
N PRO A 587 27.28 8.10 -8.28
CA PRO A 587 28.26 9.13 -8.65
C PRO A 587 27.73 10.55 -8.57
N VAL A 588 26.47 10.78 -8.98
CA VAL A 588 25.91 12.12 -8.89
C VAL A 588 25.88 12.60 -7.45
N LEU A 589 25.35 11.79 -6.54
CA LEU A 589 25.30 12.19 -5.14
C LEU A 589 26.70 12.32 -4.54
N CYS A 590 27.60 11.40 -4.87
CA CYS A 590 28.91 11.40 -4.23
C CYS A 590 29.89 12.37 -4.87
N GLN A 591 29.52 13.03 -5.96
CA GLN A 591 30.42 14.01 -6.57
C GLN A 591 29.84 15.42 -6.61
N ALA A 592 28.52 15.56 -6.68
CA ALA A 592 27.93 16.90 -6.72
C ALA A 592 27.65 17.45 -5.33
N HIS A 593 27.19 16.58 -4.42
CA HIS A 593 26.81 17.01 -3.09
C HIS A 593 27.79 16.59 -2.00
N GLY A 594 28.84 15.85 -2.34
CA GLY A 594 29.85 15.49 -1.38
C GLY A 594 29.51 14.38 -0.41
N LEU A 595 28.38 13.71 -0.61
CA LEU A 595 28.02 12.58 0.26
C LEU A 595 28.98 11.42 0.02
N THR A 596 29.16 10.62 1.06
CA THR A 596 29.96 9.41 1.00
C THR A 596 29.11 8.25 0.48
N PRO A 597 29.74 7.19 -0.04
CA PRO A 597 28.95 6.01 -0.42
C PRO A 597 28.17 5.40 0.73
N GLU A 598 28.74 5.45 1.94
CA GLU A 598 28.04 4.92 3.10
C GLU A 598 26.74 5.68 3.36
N GLN A 599 26.76 6.99 3.18
CA GLN A 599 25.56 7.79 3.43
C GLN A 599 24.48 7.50 2.41
N VAL A 600 24.86 7.32 1.15
CA VAL A 600 23.89 6.95 0.11
C VAL A 600 23.29 5.59 0.40
N VAL A 601 24.13 4.63 0.80
CA VAL A 601 23.63 3.30 1.11
C VAL A 601 22.71 3.34 2.33
N ALA A 602 23.01 4.21 3.30
CA ALA A 602 22.17 4.31 4.47
C ALA A 602 20.83 4.96 4.16
N ILE A 603 20.82 5.92 3.23
CA ILE A 603 19.55 6.48 2.77
C ILE A 603 18.74 5.43 2.03
N ALA A 604 19.39 4.63 1.19
CA ALA A 604 18.70 3.66 0.35
C ALA A 604 18.22 2.44 1.11
N SER A 605 18.89 2.06 2.20
CA SER A 605 18.56 0.85 2.95
C SER A 605 17.31 1.07 3.80
N ASN A 606 16.20 1.34 3.13
CA ASN A 606 14.93 1.60 3.80
C ASN A 606 13.79 1.35 2.81
N ILE A 607 12.58 1.25 3.33
CA ILE A 607 11.42 1.02 2.49
C ILE A 607 11.09 2.34 1.80
N GLY A 608 11.22 2.37 0.47
CA GLY A 608 11.08 3.59 -0.27
C GLY A 608 12.36 4.37 -0.43
N GLY A 609 13.49 3.69 -0.61
CA GLY A 609 14.77 4.36 -0.72
C GLY A 609 14.98 5.08 -2.04
N LYS A 610 14.27 4.67 -3.09
CA LYS A 610 14.32 5.42 -4.34
C LYS A 610 13.76 6.82 -4.15
N GLN A 611 12.60 6.92 -3.49
CA GLN A 611 11.99 8.21 -3.23
C GLN A 611 12.89 9.07 -2.35
N ALA A 612 13.46 8.48 -1.31
CA ALA A 612 14.34 9.23 -0.42
C ALA A 612 15.58 9.73 -1.15
N LEU A 613 16.17 8.88 -2.00
CA LEU A 613 17.37 9.29 -2.74
C LEU A 613 17.06 10.41 -3.71
N GLU A 614 15.96 10.28 -4.47
CA GLU A 614 15.61 11.33 -5.43
C GLU A 614 15.30 12.64 -4.72
N THR A 615 14.58 12.56 -3.60
CA THR A 615 14.26 13.78 -2.85
C THR A 615 15.51 14.40 -2.24
N VAL A 616 16.46 13.58 -1.79
CA VAL A 616 17.72 14.11 -1.28
C VAL A 616 18.47 14.84 -2.39
N GLN A 617 18.54 14.23 -3.57
CA GLN A 617 19.17 14.92 -4.70
C GLN A 617 18.49 16.25 -4.96
N ARG A 618 17.16 16.27 -4.99
CA ARG A 618 16.43 17.49 -5.32
C ARG A 618 16.62 18.57 -4.25
N LEU A 619 16.60 18.19 -2.97
CA LEU A 619 16.42 19.14 -1.88
C LEU A 619 17.67 19.39 -1.05
N LEU A 620 18.78 18.69 -1.29
CA LEU A 620 19.97 18.94 -0.48
C LEU A 620 20.50 20.35 -0.65
N PRO A 621 20.66 20.89 -1.88
CA PRO A 621 21.08 22.29 -1.98
C PRO A 621 20.10 23.27 -1.37
N VAL A 622 18.79 23.11 -1.63
CA VAL A 622 17.80 24.06 -1.12
C VAL A 622 17.84 24.12 0.40
N LEU A 623 17.76 22.96 1.05
CA LEU A 623 17.78 22.92 2.51
C LEU A 623 19.13 23.38 3.05
N CYS A 624 20.23 22.95 2.43
CA CYS A 624 21.55 23.24 2.97
C CYS A 624 21.90 24.72 2.87
N GLN A 625 21.43 25.41 1.83
CA GLN A 625 21.77 26.82 1.62
C GLN A 625 20.67 27.76 2.10
N ALA A 626 19.44 27.62 1.60
CA ALA A 626 18.41 28.58 1.92
C ALA A 626 17.92 28.43 3.36
N HIS A 627 17.78 27.21 3.85
CA HIS A 627 17.23 26.96 5.16
C HIS A 627 18.28 26.85 6.26
N GLY A 628 19.56 26.97 5.91
CA GLY A 628 20.61 26.93 6.92
C GLY A 628 20.78 25.60 7.61
N LEU A 629 20.72 24.49 6.87
CA LEU A 629 20.94 23.17 7.40
C LEU A 629 22.35 22.69 7.03
N THR A 630 22.63 21.43 7.31
CA THR A 630 23.88 20.77 6.94
C THR A 630 23.55 19.48 6.22
N PRO A 631 24.48 18.97 5.39
CA PRO A 631 24.22 17.68 4.73
C PRO A 631 23.97 16.55 5.69
N GLU A 632 24.62 16.56 6.87
CA GLU A 632 24.40 15.49 7.83
C GLU A 632 22.98 15.50 8.38
N GLN A 633 22.41 16.68 8.60
CA GLN A 633 21.03 16.76 9.08
C GLN A 633 20.04 16.27 8.01
N VAL A 634 20.30 16.61 6.75
CA VAL A 634 19.43 16.12 5.67
C VAL A 634 19.53 14.61 5.54
N VAL A 635 20.74 14.06 5.63
CA VAL A 635 20.90 12.61 5.58
C VAL A 635 20.20 11.95 6.77
N ALA A 636 20.30 12.55 7.95
CA ALA A 636 19.65 11.99 9.12
C ALA A 636 18.13 12.00 8.97
N ILE A 637 17.58 13.07 8.40
CA ILE A 637 16.14 13.11 8.16
C ILE A 637 15.73 12.05 7.15
N ALA A 638 16.53 11.88 6.09
CA ALA A 638 16.17 10.99 5.00
C ALA A 638 16.35 9.52 5.33
N SER A 639 17.23 9.19 6.28
CA SER A 639 17.56 7.79 6.60
C SER A 639 16.50 7.17 7.52
N ASN A 640 15.25 7.22 7.07
CA ASN A 640 14.14 6.67 7.83
C ASN A 640 13.05 6.20 6.86
N ILE A 641 12.18 5.33 7.35
CA ILE A 641 11.06 4.87 6.53
C ILE A 641 10.08 6.01 6.34
N GLY A 642 9.91 6.45 5.10
CA GLY A 642 9.15 7.65 4.83
C GLY A 642 9.99 8.90 4.92
N GLY A 643 11.22 8.86 4.44
CA GLY A 643 12.14 9.98 4.46
C GLY A 643 12.00 10.94 3.33
N LYS A 644 11.08 10.69 2.39
CA LYS A 644 10.73 11.69 1.40
C LYS A 644 9.66 12.63 1.95
N GLN A 645 8.64 12.07 2.59
CA GLN A 645 7.62 12.90 3.20
C GLN A 645 8.19 13.72 4.36
N ALA A 646 9.04 13.12 5.17
CA ALA A 646 9.62 13.79 6.31
C ALA A 646 10.62 14.87 5.92
N LEU A 647 11.00 14.95 4.65
CA LEU A 647 11.93 15.95 4.15
C LEU A 647 11.22 17.10 3.44
N GLU A 648 10.21 16.78 2.62
CA GLU A 648 9.36 17.81 2.06
C GLU A 648 8.59 18.54 3.16
N THR A 649 8.15 17.80 4.19
CA THR A 649 7.45 18.43 5.31
C THR A 649 8.38 19.39 6.05
N VAL A 650 9.63 19.02 6.25
CA VAL A 650 10.59 19.92 6.89
C VAL A 650 10.79 21.17 6.03
N GLN A 651 10.96 20.98 4.72
CA GLN A 651 11.12 22.13 3.83
C GLN A 651 9.93 23.06 3.92
N ARG A 652 8.73 22.50 3.97
CA ARG A 652 7.51 23.31 3.98
C ARG A 652 7.28 24.01 5.31
N LEU A 653 7.62 23.36 6.42
CA LEU A 653 7.22 23.82 7.74
C LEU A 653 8.34 24.45 8.56
N LEU A 654 9.59 24.39 8.13
CA LEU A 654 10.67 24.97 8.92
C LEU A 654 10.55 26.49 9.05
N PRO A 655 10.29 27.26 7.98
CA PRO A 655 10.16 28.72 8.17
C PRO A 655 9.05 29.12 9.12
N VAL A 656 7.93 28.39 9.12
CA VAL A 656 6.81 28.74 10.00
C VAL A 656 7.16 28.47 11.45
N LEU A 657 7.75 27.31 11.72
CA LEU A 657 8.01 26.90 13.10
C LEU A 657 9.15 27.69 13.73
N CYS A 658 10.19 27.97 12.96
CA CYS A 658 11.37 28.64 13.50
C CYS A 658 11.26 30.16 13.53
N GLN A 659 10.15 30.72 13.05
CA GLN A 659 9.96 32.17 13.07
C GLN A 659 8.80 32.61 13.96
N ALA A 660 7.70 31.85 13.98
CA ALA A 660 6.53 32.21 14.77
C ALA A 660 6.53 31.53 16.14
N HIS A 661 6.96 30.27 16.19
CA HIS A 661 6.86 29.48 17.41
C HIS A 661 8.19 29.36 18.16
N GLY A 662 9.27 29.88 17.58
CA GLY A 662 10.52 29.94 18.31
C GLY A 662 11.30 28.65 18.42
N LEU A 663 11.01 27.66 17.57
CA LEU A 663 11.77 26.41 17.60
C LEU A 663 13.06 26.56 16.80
N THR A 664 14.18 26.18 17.40
CA THR A 664 15.44 26.20 16.69
C THR A 664 15.44 25.14 15.59
N PRO A 665 16.26 25.32 14.55
CA PRO A 665 16.33 24.30 13.50
C PRO A 665 16.77 22.94 14.01
N GLU A 666 17.55 22.91 15.10
CA GLU A 666 17.97 21.63 15.66
C GLU A 666 16.79 20.84 16.20
N GLN A 667 15.84 21.52 16.85
CA GLN A 667 14.66 20.83 17.37
C GLN A 667 13.80 20.27 16.25
N VAL A 668 13.63 21.03 15.16
CA VAL A 668 12.89 20.53 14.01
C VAL A 668 13.59 19.33 13.40
N VAL A 669 14.91 19.40 13.27
CA VAL A 669 15.67 18.29 12.69
C VAL A 669 15.55 17.06 13.56
N ALA A 670 15.57 17.23 14.90
CA ALA A 670 15.51 16.09 15.80
C ALA A 670 14.10 15.53 15.93
N ILE A 671 13.07 16.34 15.68
CA ILE A 671 11.71 15.82 15.69
C ILE A 671 11.35 15.20 14.34
N ALA A 672 12.09 15.53 13.29
CA ALA A 672 11.87 14.90 11.99
C ALA A 672 12.77 13.71 11.73
N SER A 673 13.86 13.57 12.48
CA SER A 673 14.77 12.44 12.30
C SER A 673 14.27 11.21 13.03
N ASN A 674 13.01 10.84 12.80
CA ASN A 674 12.40 9.66 13.38
C ASN A 674 11.50 9.00 12.35
N GLY A 675 11.32 7.69 12.49
CA GLY A 675 10.41 6.98 11.62
C GLY A 675 9.00 7.53 11.72
N GLY A 676 8.39 7.84 10.58
CA GLY A 676 7.10 8.50 10.60
C GLY A 676 7.17 9.90 11.18
N GLY A 677 8.16 10.69 10.79
CA GLY A 677 8.37 12.02 11.30
C GLY A 677 7.68 13.13 10.57
N ARG A 678 6.88 12.82 9.56
CA ARG A 678 5.99 13.83 8.97
C ARG A 678 4.72 13.99 9.81
N PRO A 679 4.03 12.92 10.20
CA PRO A 679 2.85 13.11 11.07
C PRO A 679 3.20 13.74 12.40
N ALA A 680 4.35 13.43 12.98
CA ALA A 680 4.74 14.03 14.25
C ALA A 680 4.94 15.53 14.10
N LEU A 681 5.60 15.96 13.02
CA LEU A 681 5.84 17.38 12.81
C LEU A 681 4.54 18.12 12.51
N GLU A 682 3.64 17.49 11.73
CA GLU A 682 2.36 18.11 11.47
C GLU A 682 1.52 18.24 12.74
N ALA A 683 1.53 17.20 13.58
CA ALA A 683 0.79 17.26 14.84
C ALA A 683 1.36 18.32 15.77
N LEU A 684 2.69 18.45 15.82
CA LEU A 684 3.29 19.52 16.61
C LEU A 684 2.85 20.89 16.11
N HIS A 685 2.84 21.09 14.78
CA HIS A 685 2.40 22.36 14.23
C HIS A 685 0.95 22.64 14.57
N ALA A 686 0.08 21.62 14.44
CA ALA A 686 -1.33 21.82 14.75
C ALA A 686 -1.54 22.18 16.21
N VAL A 687 -0.86 21.46 17.12
CA VAL A 687 -0.99 21.76 18.55
C VAL A 687 -0.51 23.17 18.84
N LEU A 688 0.60 23.58 18.23
CA LEU A 688 1.11 24.92 18.47
C LEU A 688 0.23 26.00 17.87
N THR A 689 -0.54 25.68 16.83
CA THR A 689 -1.30 26.74 16.18
C THR A 689 -2.72 26.87 16.71
N ASP A 690 -3.41 25.78 17.04
CA ASP A 690 -4.81 25.89 17.45
C ASP A 690 -5.21 25.03 18.65
N GLY A 691 -4.27 24.32 19.26
CA GLY A 691 -4.59 23.50 20.41
C GLY A 691 -4.84 24.35 21.65
N PRO A 692 -5.31 23.72 22.72
CA PRO A 692 -5.49 24.45 23.98
C PRO A 692 -4.14 24.81 24.59
N GLU A 693 -4.16 25.83 25.45
CA GLU A 693 -2.93 26.35 26.03
C GLU A 693 -2.15 25.29 26.78
N GLU A 694 -2.85 24.35 27.43
CA GLU A 694 -2.14 23.27 28.13
C GLU A 694 -1.47 22.33 27.14
N ALA A 695 -2.12 22.08 25.99
CA ALA A 695 -1.50 21.26 24.97
C ALA A 695 -0.26 21.92 24.39
N LYS A 696 -0.32 23.23 24.15
CA LYS A 696 0.86 23.96 23.71
C LYS A 696 1.96 23.90 24.74
N TYR A 697 1.61 24.06 26.02
CA TYR A 697 2.59 24.02 27.10
C TYR A 697 3.29 22.68 27.14
N GLU A 698 2.52 21.60 27.08
CA GLU A 698 3.12 20.26 27.16
C GLU A 698 3.93 19.94 25.92
N ALA A 699 3.45 20.33 24.74
CA ALA A 699 4.19 20.08 23.51
C ALA A 699 5.51 20.85 23.48
N LEU A 700 5.50 22.09 23.98
CA LEU A 700 6.73 22.87 24.00
C LEU A 700 7.70 22.37 25.07
N MET A 701 7.18 21.82 26.17
CA MET A 701 8.09 21.24 27.16
C MET A 701 8.70 19.93 26.65
N ARG A 702 7.93 19.15 25.92
CA ARG A 702 8.41 17.85 25.43
C ARG A 702 9.46 17.97 24.35
N LEU A 703 9.96 19.16 24.02
CA LEU A 703 10.89 19.35 22.92
C LEU A 703 12.35 19.42 23.38
N GLY A 704 12.63 20.24 24.38
CA GLY A 704 14.01 20.40 24.82
C GLY A 704 14.21 21.29 26.01
N GLY A 705 15.30 22.05 26.01
CA GLY A 705 15.69 22.85 27.15
C GLY A 705 14.93 24.15 27.31
N ALA A 706 13.67 24.07 27.72
CA ALA A 706 12.84 25.23 27.96
C ALA A 706 12.58 25.37 29.45
N LEU A 707 12.58 26.61 29.94
CA LEU A 707 12.39 26.92 31.35
C LEU A 707 11.00 27.49 31.57
N ALA A 708 10.19 26.80 32.36
CA ALA A 708 8.82 27.21 32.62
C ALA A 708 8.73 27.74 34.04
N ILE A 709 8.87 29.04 34.20
CA ILE A 709 8.89 29.66 35.52
C ILE A 709 7.52 30.25 35.82
N ARG A 710 7.23 30.40 37.10
CA ARG A 710 6.03 31.07 37.58
C ARG A 710 6.27 31.55 39.00
N ILE A 711 5.66 32.68 39.35
CA ILE A 711 5.87 33.30 40.65
C ILE A 711 4.58 33.20 41.46
N SER A 712 4.66 33.64 42.71
CA SER A 712 3.56 33.54 43.66
C SER A 712 2.90 34.87 43.98
N ASP A 713 3.67 35.95 44.08
CA ASP A 713 3.12 37.27 44.40
C ASP A 713 3.77 38.30 43.48
N ASN A 714 3.52 39.58 43.76
CA ASN A 714 4.05 40.67 42.96
C ASN A 714 5.17 41.43 43.67
N SER A 715 5.76 40.83 44.70
CA SER A 715 6.83 41.50 45.42
C SER A 715 8.07 41.65 44.55
N GLU A 716 8.87 42.67 44.88
CA GLU A 716 10.04 42.98 44.07
C GLU A 716 11.08 41.87 44.15
N LYS A 717 11.27 41.27 45.34
CA LYS A 717 12.30 40.25 45.51
C LYS A 717 11.99 39.01 44.68
N GLN A 718 10.72 38.57 44.69
CA GLN A 718 10.36 37.39 43.91
C GLN A 718 10.52 37.64 42.42
N ILE A 719 10.13 38.83 41.95
CA ILE A 719 10.29 39.18 40.55
C ILE A 719 11.77 39.20 40.17
N ASN A 720 12.61 39.77 41.03
CA ASN A 720 14.04 39.80 40.77
C ASN A 720 14.62 38.39 40.73
N THR A 721 14.17 37.51 41.64
CA THR A 721 14.64 36.13 41.62
C THR A 721 14.23 35.43 40.33
N ALA A 722 12.99 35.62 39.89
CA ALA A 722 12.53 35.00 38.64
C ALA A 722 13.34 35.51 37.45
N ILE A 723 13.59 36.82 37.39
CA ILE A 723 14.36 37.37 36.28
C ILE A 723 15.80 36.88 36.33
N ASN A 724 16.35 36.71 37.54
CA ASN A 724 17.70 36.18 37.68
C ASN A 724 17.77 34.75 37.15
N LEU A 725 16.81 33.91 37.52
CA LEU A 725 16.78 32.54 37.02
C LEU A 725 16.64 32.52 35.50
N ILE A 726 15.79 33.40 34.97
CA ILE A 726 15.62 33.47 33.52
C ILE A 726 16.91 33.86 32.83
N LYS A 727 17.62 34.85 33.39
CA LYS A 727 18.89 35.28 32.79
C LYS A 727 19.93 34.17 32.81
N ASN A 728 20.04 33.46 33.95
CA ASN A 728 20.98 32.34 34.00
C ASN A 728 20.63 31.25 33.00
N HIS A 729 19.34 30.92 32.87
CA HIS A 729 18.96 29.91 31.89
C HIS A 729 19.26 30.38 30.47
N ALA A 730 19.01 31.65 30.18
CA ALA A 730 19.27 32.17 28.84
C ALA A 730 20.76 32.14 28.52
N LYS A 731 21.60 32.57 29.47
CA LYS A 731 23.04 32.52 29.24
C LYS A 731 23.57 31.10 29.22
N SER A 732 22.84 30.14 29.81
CA SER A 732 23.24 28.74 29.68
C SER A 732 23.07 28.25 28.25
N LYS A 733 22.10 28.80 27.52
CA LYS A 733 21.90 28.47 26.11
C LYS A 733 22.59 29.43 25.17
N GLY A 734 23.29 30.43 25.69
CA GLY A 734 24.08 31.33 24.85
C GLY A 734 23.29 32.40 24.13
N VAL A 735 22.06 32.68 24.55
CA VAL A 735 21.23 33.71 23.93
C VAL A 735 21.11 34.87 24.90
N GLU A 736 21.35 36.08 24.40
CA GLU A 736 21.32 37.29 25.22
C GLU A 736 19.94 37.92 25.15
N LEU A 737 19.36 38.23 26.32
CA LEU A 737 18.05 38.83 26.40
C LEU A 737 18.17 40.35 26.34
N SER A 738 17.40 40.97 25.46
CA SER A 738 17.37 42.42 25.37
C SER A 738 16.67 43.02 26.58
N GLU A 739 17.09 44.23 26.95
CA GLU A 739 16.49 44.89 28.10
C GLU A 739 15.02 45.22 27.87
N GLU A 740 14.61 45.40 26.61
CA GLU A 740 13.19 45.57 26.32
C GLU A 740 12.41 44.30 26.69
N ASP A 741 12.96 43.13 26.36
CA ASP A 741 12.33 41.88 26.74
C ASP A 741 12.32 41.72 28.26
N ILE A 742 13.40 42.16 28.93
CA ILE A 742 13.44 42.11 30.38
C ILE A 742 12.33 42.96 30.98
N LYS A 743 12.13 44.17 30.45
CA LYS A 743 11.06 45.03 30.94
C LYS A 743 9.69 44.43 30.66
N LYS A 744 9.52 43.81 29.49
CA LYS A 744 8.24 43.16 29.18
C LYS A 744 7.96 42.03 30.17
N VAL A 745 8.97 41.22 30.45
CA VAL A 745 8.80 40.11 31.40
C VAL A 745 8.48 40.64 32.79
N GLU A 746 9.19 41.71 33.21
CA GLU A 746 8.91 42.31 34.51
C GLU A 746 7.48 42.83 34.59
N LYS A 747 7.01 43.48 33.53
CA LYS A 747 5.64 43.97 33.50
C LYS A 747 4.64 42.82 33.57
N ILE A 748 4.89 41.75 32.82
CA ILE A 748 3.99 40.60 32.84
C ILE A 748 3.91 40.00 34.23
N LEU A 749 5.06 39.85 34.89
CA LEU A 749 5.07 39.30 36.23
C LEU A 749 4.46 40.26 37.24
N LYS A 750 4.54 41.56 36.98
CA LYS A 750 4.03 42.56 37.91
C LYS A 750 2.55 42.88 37.70
N GLU A 751 1.94 42.36 36.64
CA GLU A 751 0.53 42.61 36.39
C GLU A 751 -0.35 41.37 36.42
N ASN A 752 0.18 40.21 36.02
CA ASN A 752 -0.64 39.00 35.95
C ASN A 752 -0.25 38.03 37.06
N PRO A 753 -1.11 37.81 38.05
CA PRO A 753 -0.82 36.78 39.06
C PRO A 753 -1.13 35.39 38.54
N GLY A 754 -0.18 34.48 38.72
CA GLY A 754 -0.36 33.12 38.25
C GLY A 754 -0.04 32.90 36.79
N VAL A 755 0.68 33.82 36.16
CA VAL A 755 1.03 33.68 34.75
C VAL A 755 2.26 32.81 34.62
N VAL A 756 2.36 32.08 33.52
CA VAL A 756 3.45 31.14 33.28
C VAL A 756 4.34 31.70 32.18
N LEU A 757 5.64 31.80 32.46
CA LEU A 757 6.61 32.26 31.46
C LEU A 757 7.42 31.06 31.01
N LEU A 758 7.26 30.66 29.75
CA LEU A 758 7.97 29.52 29.20
C LEU A 758 9.02 30.04 28.21
N LEU A 759 10.28 29.92 28.59
CA LEU A 759 11.40 30.39 27.76
C LEU A 759 11.92 29.21 26.95
N THR A 760 11.70 29.24 25.65
CA THR A 760 12.26 28.27 24.72
C THR A 760 13.74 28.54 24.51
N PRO A 761 14.50 27.55 24.02
CA PRO A 761 15.95 27.76 23.85
C PRO A 761 16.29 28.89 22.90
N SER A 762 15.49 29.13 21.86
CA SER A 762 15.84 30.16 20.88
C SER A 762 15.76 31.56 21.46
N GLY A 763 15.07 31.76 22.58
CA GLY A 763 14.93 33.05 23.21
C GLY A 763 13.50 33.52 23.36
N LYS A 764 12.58 32.99 22.57
CA LYS A 764 11.19 33.41 22.66
C LYS A 764 10.62 33.08 24.03
N ILE A 765 9.87 34.03 24.60
CA ILE A 765 9.30 33.85 25.93
C ILE A 765 7.78 33.78 25.81
N HIS A 766 7.24 32.57 25.69
CA HIS A 766 5.81 32.39 25.66
C HIS A 766 5.21 32.80 27.00
N VAL A 767 4.04 33.45 26.95
CA VAL A 767 3.32 33.87 28.14
C VAL A 767 1.97 33.16 28.13
N PHE A 768 1.75 32.28 29.10
CA PHE A 768 0.48 31.61 29.24
C PHE A 768 -0.28 32.25 30.40
N PRO A 769 -1.41 32.89 30.16
CA PRO A 769 -2.08 33.63 31.24
C PRO A 769 -2.82 32.73 32.21
N SER A 770 -3.37 31.60 31.76
CA SER A 770 -4.19 30.76 32.62
C SER A 770 -4.05 29.31 32.18
N ILE A 771 -3.27 28.53 32.93
CA ILE A 771 -3.20 27.09 32.69
C ILE A 771 -3.91 26.37 33.82
N SER A 772 -3.39 26.49 35.04
CA SER A 772 -3.97 25.90 36.23
C SER A 772 -3.09 26.28 37.41
N TRP A 773 -3.56 25.93 38.60
CA TRP A 773 -2.75 25.96 39.82
C TRP A 773 -2.47 24.57 40.37
N SER A 774 -2.87 23.53 39.63
CA SER A 774 -2.67 22.15 40.04
C SER A 774 -2.04 21.36 38.89
N LEU A 775 -1.39 20.26 39.24
CA LEU A 775 -0.72 19.46 38.25
C LEU A 775 -1.72 18.67 37.40
N PRO A 776 -1.41 18.44 36.13
CA PRO A 776 -2.34 17.72 35.26
C PRO A 776 -2.48 16.26 35.65
N GLU A 777 -3.57 15.66 35.20
CA GLU A 777 -3.80 14.24 35.43
C GLU A 777 -2.74 13.41 34.72
N TYR A 778 -2.32 12.33 35.36
CA TYR A 778 -1.27 11.48 34.81
C TYR A 778 -1.81 10.71 33.61
N ASP A 779 -1.12 10.83 32.47
CA ASP A 779 -1.55 10.21 31.23
C ASP A 779 -0.80 8.91 30.91
N GLY A 780 0.03 8.42 31.82
CA GLY A 780 0.72 7.17 31.63
C GLY A 780 2.00 7.24 30.82
N THR A 781 2.26 8.35 30.15
CA THR A 781 3.45 8.48 29.30
C THR A 781 4.40 9.56 29.79
N THR A 782 3.91 10.77 30.03
CA THR A 782 4.74 11.90 30.43
C THR A 782 4.40 12.27 31.86
N THR A 783 5.40 12.29 32.73
CA THR A 783 5.24 12.75 34.10
C THR A 783 5.52 14.24 34.18
N HIS A 784 4.69 14.95 34.94
CA HIS A 784 4.91 16.36 35.20
C HIS A 784 5.42 16.55 36.62
N GLY A 785 5.96 17.74 36.88
CA GLY A 785 6.45 18.05 38.20
C GLY A 785 6.69 19.52 38.38
N VAL A 786 6.50 20.00 39.60
CA VAL A 786 6.70 21.40 39.94
C VAL A 786 7.72 21.47 41.08
N LEU A 787 8.77 22.25 40.86
CA LEU A 787 9.83 22.44 41.84
C LEU A 787 9.61 23.79 42.52
N VAL A 788 9.52 23.77 43.85
CA VAL A 788 9.26 24.97 44.65
C VAL A 788 10.49 25.26 45.47
N LEU A 789 10.99 26.49 45.38
CA LEU A 789 12.12 26.93 46.16
C LEU A 789 11.61 27.53 47.48
N ASP A 790 12.49 28.23 48.21
CA ASP A 790 12.13 28.80 49.49
C ASP A 790 11.46 30.17 49.37
N ASP A 791 11.37 30.72 48.16
CA ASP A 791 10.73 32.01 47.94
C ASP A 791 9.38 31.90 47.26
N GLY A 792 8.89 30.68 47.01
CA GLY A 792 7.62 30.49 46.34
C GLY A 792 7.70 30.35 44.84
N THR A 793 8.87 30.61 44.24
CA THR A 793 9.03 30.43 42.81
C THR A 793 8.81 28.97 42.43
N GLN A 794 8.10 28.75 41.32
CA GLN A 794 7.78 27.42 40.84
C GLN A 794 8.36 27.21 39.46
N ILE A 795 8.99 26.05 39.25
CA ILE A 795 9.61 25.68 37.99
C ILE A 795 8.92 24.42 37.49
N GLY A 796 8.71 24.33 36.18
CA GLY A 796 8.05 23.18 35.58
C GLY A 796 9.04 22.20 34.97
N PHE A 797 8.79 20.92 35.20
CA PHE A 797 9.59 19.85 34.61
C PHE A 797 8.67 18.76 34.08
N THR A 798 9.13 18.08 33.03
CA THR A 798 8.50 16.84 32.58
C THR A 798 9.57 15.80 32.35
N SER A 799 9.15 14.54 32.37
CA SER A 799 10.07 13.43 32.15
C SER A 799 10.50 13.37 30.70
N GLY A 800 11.68 12.81 30.48
CA GLY A 800 12.27 12.73 29.16
C GLY A 800 13.24 13.87 28.88
N ASN A 801 14.02 13.69 27.82
CA ASN A 801 15.02 14.67 27.41
C ASN A 801 16.05 14.90 28.52
N GLY A 802 16.68 13.81 28.96
CA GLY A 802 17.67 13.90 30.01
C GLY A 802 18.93 14.61 29.56
N ASP A 803 19.84 14.79 30.50
CA ASP A 803 21.11 15.44 30.20
C ASP A 803 21.95 14.53 29.30
N PRO A 804 22.37 14.99 28.12
CA PRO A 804 23.13 14.10 27.22
C PRO A 804 24.43 13.59 27.80
N ARG A 805 25.03 14.30 28.75
CA ARG A 805 26.29 13.86 29.34
C ARG A 805 26.11 12.86 30.48
N TYR A 806 24.88 12.59 30.89
CA TYR A 806 24.59 11.63 31.94
C TYR A 806 23.73 10.48 31.44
N THR A 807 23.80 10.19 30.14
CA THR A 807 22.96 9.16 29.56
C THR A 807 23.31 7.75 30.04
N ASN A 808 24.46 7.57 30.68
CA ASN A 808 24.81 6.25 31.19
C ASN A 808 24.01 5.90 32.43
N TYR A 809 23.60 6.89 33.21
CA TYR A 809 22.82 6.64 34.42
C TYR A 809 21.44 6.10 34.06
N ARG A 810 20.90 5.29 34.97
CA ARG A 810 19.58 4.72 34.75
C ARG A 810 18.44 5.64 35.17
N ASN A 811 18.75 6.84 35.70
CA ASN A 811 17.70 7.79 36.03
C ASN A 811 17.89 9.09 35.26
N ASN A 812 18.29 8.99 33.99
CA ASN A 812 18.46 10.16 33.14
C ASN A 812 17.10 10.47 32.50
N GLY A 813 16.57 11.64 32.80
CA GLY A 813 15.27 12.06 32.31
C GLY A 813 14.14 11.91 33.29
N HIS A 814 14.41 11.55 34.53
CA HIS A 814 13.40 11.46 35.57
C HIS A 814 13.25 12.81 36.24
N VAL A 815 12.04 13.11 36.73
CA VAL A 815 11.75 14.43 37.25
C VAL A 815 12.64 14.74 38.46
N ALA A 816 12.87 13.74 39.32
CA ALA A 816 13.71 13.97 40.49
C ALA A 816 15.14 14.30 40.09
N GLN A 817 15.69 13.59 39.11
CA GLN A 817 17.04 13.91 38.65
C GLN A 817 17.10 15.28 38.02
N LYS A 818 16.06 15.65 37.27
CA LYS A 818 16.00 16.98 36.66
C LYS A 818 16.02 18.06 37.73
N SER A 819 15.23 17.88 38.79
CA SER A 819 15.23 18.84 39.89
C SER A 819 16.59 18.91 40.58
N ALA A 820 17.21 17.74 40.77
CA ALA A 820 18.54 17.70 41.37
C ALA A 820 19.56 18.47 40.53
N LEU A 821 19.53 18.26 39.22
CA LEU A 821 20.49 18.93 38.35
C LEU A 821 20.22 20.44 38.28
N TYR A 822 18.93 20.83 38.30
CA TYR A 822 18.62 22.25 38.32
C TYR A 822 19.13 22.90 39.60
N MET A 823 18.98 22.22 40.74
CA MET A 823 19.54 22.74 41.98
C MET A 823 21.06 22.79 41.93
N ARG A 824 21.69 21.80 41.30
CA ARG A 824 23.15 21.79 41.20
C ARG A 824 23.67 22.95 40.36
N GLU A 825 23.01 23.24 39.23
CA GLU A 825 23.50 24.27 38.33
C GLU A 825 23.48 25.64 38.99
N ASN A 826 22.43 25.96 39.72
CA ASN A 826 22.30 27.23 40.42
C ASN A 826 22.69 27.07 41.89
N ASN A 827 22.54 28.16 42.64
CA ASN A 827 22.86 28.14 44.07
C ASN A 827 21.58 27.97 44.88
N ILE A 828 21.02 26.76 44.79
CA ILE A 828 19.83 26.38 45.54
C ILE A 828 20.19 25.17 46.41
N SER A 829 19.88 25.26 47.69
CA SER A 829 20.28 24.23 48.66
C SER A 829 19.11 23.69 49.47
N ASN A 830 17.87 24.04 49.12
CA ASN A 830 16.71 23.52 49.83
C ASN A 830 15.51 23.69 48.91
N ALA A 831 14.89 22.59 48.50
CA ALA A 831 13.79 22.70 47.55
C ALA A 831 12.88 21.49 47.67
N THR A 832 11.65 21.65 47.18
CA THR A 832 10.63 20.61 47.27
C THR A 832 10.00 20.41 45.90
N VAL A 833 10.11 19.20 45.35
CA VAL A 833 9.54 18.88 44.05
C VAL A 833 8.32 17.99 44.27
N TYR A 834 7.18 18.45 43.77
CA TYR A 834 5.96 17.65 43.74
C TYR A 834 5.83 17.05 42.36
N HIS A 835 5.45 15.78 42.28
CA HIS A 835 5.14 15.19 40.99
C HIS A 835 3.73 14.63 41.01
N ASN A 836 3.32 14.02 39.90
CA ASN A 836 1.95 13.55 39.76
C ASN A 836 1.87 12.09 39.32
N ASN A 837 2.99 11.39 39.26
CA ASN A 837 2.95 9.97 38.90
C ASN A 837 2.31 9.17 40.03
N THR A 838 1.22 8.47 39.72
CA THR A 838 0.53 7.68 40.73
C THR A 838 1.33 6.45 41.16
N ASN A 839 2.27 6.00 40.32
CA ASN A 839 3.09 4.84 40.65
C ASN A 839 4.18 5.15 41.67
N GLY A 840 4.38 6.42 42.01
CA GLY A 840 5.37 6.79 43.00
C GLY A 840 6.76 6.98 42.43
N THR A 841 7.68 7.31 43.33
CA THR A 841 9.07 7.55 42.94
C THR A 841 9.71 6.26 42.42
N CYS A 842 10.59 6.40 41.43
CA CYS A 842 11.26 5.26 40.83
C CYS A 842 12.15 4.55 41.84
N GLY A 843 12.61 3.35 41.49
CA GLY A 843 13.64 2.70 42.28
C GLY A 843 15.04 3.21 41.96
N TYR A 844 15.28 3.56 40.70
CA TYR A 844 16.58 4.08 40.31
C TYR A 844 16.89 5.37 41.04
N CYS A 845 15.91 6.25 41.17
CA CYS A 845 16.07 7.50 41.90
C CYS A 845 16.11 7.29 43.41
N ASN A 846 16.24 6.03 43.86
CA ASN A 846 16.26 5.75 45.30
C ASN A 846 17.45 6.43 45.97
N THR A 847 18.65 6.30 45.38
CA THR A 847 19.83 6.93 45.93
C THR A 847 20.71 7.62 44.88
N MET A 848 20.56 7.29 43.59
CA MET A 848 21.35 8.00 42.58
C MET A 848 20.95 9.45 42.43
N THR A 849 19.80 9.86 42.95
CA THR A 849 19.45 11.28 42.92
C THR A 849 20.32 12.08 43.89
N ALA A 850 20.78 11.44 44.96
CA ALA A 850 21.67 12.11 45.90
C ALA A 850 23.05 12.36 45.33
N THR A 851 23.39 11.73 44.19
CA THR A 851 24.69 11.96 43.58
C THR A 851 24.76 13.32 42.90
N PHE A 852 23.63 13.83 42.42
CA PHE A 852 23.62 15.07 41.66
C PHE A 852 23.48 16.31 42.52
N LEU A 853 22.86 16.21 43.70
CA LEU A 853 22.78 17.36 44.58
C LEU A 853 24.18 17.74 45.07
N PRO A 854 24.47 19.03 45.23
CA PRO A 854 25.76 19.43 45.80
C PRO A 854 25.83 19.16 47.29
N GLU A 855 26.94 19.57 47.92
CA GLU A 855 27.13 19.30 49.34
C GLU A 855 26.12 20.09 50.17
N GLY A 856 25.44 19.39 51.08
CA GLY A 856 24.48 20.01 51.97
C GLY A 856 23.13 20.32 51.36
N ALA A 857 22.94 20.05 50.07
CA ALA A 857 21.67 20.34 49.42
C ALA A 857 20.59 19.40 49.92
N THR A 858 19.36 19.93 49.99
CA THR A 858 18.21 19.18 50.49
C THR A 858 17.11 19.22 49.44
N LEU A 859 16.67 18.04 48.99
CA LEU A 859 15.61 17.94 48.00
C LEU A 859 14.51 17.05 48.55
N THR A 860 13.27 17.51 48.51
CA THR A 860 12.15 16.76 49.06
C THR A 860 11.19 16.37 47.93
N VAL A 861 11.14 15.08 47.63
CA VAL A 861 10.22 14.55 46.64
C VAL A 861 8.88 14.27 47.31
N VAL A 862 7.79 14.69 46.66
CA VAL A 862 6.44 14.43 47.13
C VAL A 862 5.61 13.83 46.01
N PRO A 863 5.13 12.59 46.16
CA PRO A 863 4.22 12.00 45.18
C PRO A 863 2.80 12.48 45.43
N PRO A 864 1.86 12.16 44.54
CA PRO A 864 0.47 12.55 44.78
C PRO A 864 -0.13 11.81 45.97
N GLU A 865 -1.35 12.23 46.33
CA GLU A 865 -2.00 11.67 47.52
C GLU A 865 -2.27 10.19 47.37
N ASN A 866 -2.72 9.76 46.19
CA ASN A 866 -3.11 8.37 45.95
C ASN A 866 -1.96 7.53 45.39
N ALA A 867 -0.72 7.86 45.72
CA ALA A 867 0.41 7.13 45.19
C ALA A 867 0.51 5.75 45.83
N VAL A 868 0.61 4.72 45.00
CA VAL A 868 0.78 3.34 45.45
C VAL A 868 1.95 2.73 44.71
N ALA A 869 2.73 1.92 45.43
CA ALA A 869 3.91 1.28 44.85
C ALA A 869 3.45 0.19 43.90
N ASN A 870 3.68 0.38 42.60
CA ASN A 870 3.27 -0.59 41.59
C ASN A 870 4.30 -1.69 41.37
N ASN A 871 5.46 -1.62 42.00
CA ASN A 871 6.52 -2.61 41.80
C ASN A 871 7.18 -2.89 43.16
N SER A 872 8.31 -3.58 43.11
CA SER A 872 8.96 -4.04 44.33
C SER A 872 9.82 -2.98 45.00
N ARG A 873 10.09 -1.85 44.33
CA ARG A 873 11.03 -0.86 44.85
C ARG A 873 10.48 0.56 44.86
N ALA A 874 9.26 0.81 44.40
CA ALA A 874 8.73 2.17 44.35
C ALA A 874 8.55 2.74 45.75
N ILE A 875 8.85 4.02 45.89
CA ILE A 875 8.57 4.79 47.10
C ILE A 875 7.40 5.73 46.81
N ASP A 876 6.38 5.68 47.63
CA ASP A 876 5.14 6.44 47.44
C ASP A 876 4.82 7.31 48.64
N TYR A 877 5.83 7.99 49.17
CA TYR A 877 5.66 8.90 50.29
C TYR A 877 6.72 9.98 50.23
N VAL A 878 6.49 11.05 51.00
CA VAL A 878 7.40 12.19 51.02
C VAL A 878 8.78 11.73 51.47
N LYS A 879 9.80 12.02 50.66
CA LYS A 879 11.15 11.57 50.96
C LYS A 879 12.14 12.72 50.81
N THR A 880 13.20 12.69 51.60
CA THR A 880 14.22 13.73 51.59
C THR A 880 15.56 13.14 51.18
N TYR A 881 16.29 13.85 50.31
CA TYR A 881 17.60 13.45 49.85
C TYR A 881 18.59 14.57 50.12
N THR A 882 19.80 14.19 50.53
CA THR A 882 20.89 15.10 50.81
C THR A 882 21.98 14.94 49.75
N GLY A 883 23.08 15.65 49.94
CA GLY A 883 24.20 15.64 49.02
C GLY A 883 25.32 14.73 49.44
N THR A 884 26.52 15.05 48.97
CA THR A 884 27.71 14.25 49.26
C THR A 884 28.98 15.07 49.09
#